data_5D9O
#
_entry.id   5D9O
#
_cell.length_a   49.180
_cell.length_b   85.058
_cell.length_c   74.978
_cell.angle_alpha   90.00
_cell.angle_beta   101.40
_cell.angle_gamma   90.00
#
_symmetry.space_group_name_H-M   'P 1 21 1'
#
loop_
_entity.id
_entity.type
_entity.pdbx_description
1 polymer B-1,4-endoglucanase
2 branched beta-D-glucopyranose-(1-4)-beta-D-glucopyranose-(1-4)-beta-D-glucopyranose-(1-4)-beta-D-glucopyranose
3 non-polymer 'CALCIUM ION'
4 water water
#
_entity_poly.entity_id   1
_entity_poly.type   'polypeptide(L)'
_entity_poly.pdbx_seq_one_letter_code
;MINQNATYMEESAQSAVDNFGLGFNLGNTLDANGCGTGKPVATYETFWGQPETTQDMMTFLMQNGFNAVRIPVTWYEHMD
AEGNVDEAWMMRVKAIVEYAMNAGLYAIVNVHHDTAAGSGAWIKADTDVYAATKEKFKKLWTQIANALADYDQHLLFEGY
NEMLDGNNSWDEPQKASGYEALNNYAQDFVDAVRATGGNNATRNLIVNTYAAAKGENVLNNFMLPTDAVNNHLIVQVHSY
DPWNFFNTKTTWDSECHNTLTEIFSALSKKFTTIPYIIGAYGTHGESDISVSKSSPAEKIKLAADQAADMVKLAKDHHSA
TFYWMSIFDGSDRIQPQWSLPTVVEAMQEAYNN
;
_entity_poly.pdbx_strand_id   A,B
#
# COMPACT_ATOMS: atom_id res chain seq x y z
N THR A 7 -26.58 17.46 -26.85
CA THR A 7 -26.83 18.90 -26.69
C THR A 7 -26.42 19.33 -25.30
N TYR A 8 -25.68 20.43 -25.21
CA TYR A 8 -25.25 20.96 -23.92
C TYR A 8 -26.34 21.79 -23.27
N MET A 9 -26.66 21.51 -22.01
CA MET A 9 -27.58 22.36 -21.25
C MET A 9 -26.97 22.73 -19.89
N GLU A 10 -26.66 24.01 -19.73
CA GLU A 10 -26.01 24.50 -18.53
C GLU A 10 -26.78 24.12 -17.28
N GLU A 11 -26.04 23.58 -16.30
CA GLU A 11 -26.60 23.10 -15.05
C GLU A 11 -25.77 23.63 -13.87
N SER A 12 -26.43 24.05 -12.80
CA SER A 12 -25.69 24.60 -11.66
C SER A 12 -24.93 23.48 -10.96
N ALA A 13 -23.92 23.87 -10.20
CA ALA A 13 -23.10 22.90 -9.49
C ALA A 13 -23.94 22.11 -8.48
N GLN A 14 -24.81 22.79 -7.75
CA GLN A 14 -25.65 22.09 -6.77
C GLN A 14 -26.65 21.13 -7.45
N SER A 15 -27.21 21.54 -8.59
CA SER A 15 -28.10 20.66 -9.35
CA SER A 15 -28.10 20.67 -9.36
C SER A 15 -27.37 19.39 -9.78
N ALA A 16 -26.15 19.55 -10.28
CA ALA A 16 -25.34 18.40 -10.66
C ALA A 16 -25.13 17.45 -9.47
N VAL A 17 -24.67 17.99 -8.34
CA VAL A 17 -24.43 17.19 -7.14
C VAL A 17 -25.71 16.47 -6.69
N ASP A 18 -26.84 17.17 -6.77
CA ASP A 18 -28.12 16.60 -6.37
C ASP A 18 -28.54 15.47 -7.32
N ASN A 19 -27.96 15.45 -8.52
CA ASN A 19 -28.28 14.43 -9.53
C ASN A 19 -27.27 13.29 -9.62
N PHE A 20 -26.12 13.42 -8.98
CA PHE A 20 -25.09 12.38 -8.98
C PHE A 20 -25.61 11.06 -8.41
N GLY A 21 -26.48 11.14 -7.39
CA GLY A 21 -26.96 9.93 -6.75
C GLY A 21 -25.83 9.08 -6.17
N LEU A 22 -25.95 7.77 -6.32
CA LEU A 22 -24.88 6.86 -5.93
C LEU A 22 -23.75 6.91 -6.95
N GLY A 23 -22.53 7.17 -6.49
CA GLY A 23 -21.38 7.25 -7.37
C GLY A 23 -20.37 6.17 -7.11
N PHE A 24 -19.54 5.93 -8.12
CA PHE A 24 -18.52 4.88 -8.06
C PHE A 24 -17.22 5.38 -8.67
N ASN A 25 -16.09 5.01 -8.06
CA ASN A 25 -14.76 5.28 -8.62
C ASN A 25 -14.23 4.12 -9.43
N LEU A 26 -13.92 4.36 -10.71
CA LEU A 26 -13.23 3.39 -11.56
C LEU A 26 -11.73 3.40 -11.21
N GLY A 27 -11.45 3.00 -9.98
CA GLY A 27 -10.11 3.18 -9.43
C GLY A 27 -9.13 2.11 -9.86
N ASN A 28 -7.84 2.41 -9.68
CA ASN A 28 -6.74 1.52 -10.09
C ASN A 28 -6.82 1.11 -11.57
N THR A 29 -7.32 2.02 -12.40
CA THR A 29 -7.56 1.74 -13.81
C THR A 29 -6.74 2.75 -14.65
N LEU A 30 -7.32 3.84 -15.14
CA LEU A 30 -6.49 4.80 -15.87
C LEU A 30 -5.56 5.57 -14.93
N ASP A 31 -5.77 5.42 -13.64
CA ASP A 31 -4.89 6.02 -12.65
C ASP A 31 -3.69 5.13 -12.34
N ALA A 32 -3.73 3.88 -12.81
CA ALA A 32 -2.62 2.97 -12.63
C ALA A 32 -1.41 3.49 -13.39
N ASN A 33 -0.22 3.23 -12.87
CA ASN A 33 0.99 3.80 -13.43
C ASN A 33 2.20 3.06 -12.92
N GLY A 34 3.32 3.24 -13.62
CA GLY A 34 4.56 2.70 -13.09
C GLY A 34 5.31 1.78 -14.03
N CYS A 35 4.72 1.48 -15.17
CA CYS A 35 5.30 0.56 -16.13
C CYS A 35 6.27 1.25 -17.07
N GLY A 36 6.33 2.57 -16.97
CA GLY A 36 7.22 3.32 -17.83
C GLY A 36 6.51 3.83 -19.07
N THR A 37 7.18 4.71 -19.79
CA THR A 37 6.64 5.21 -21.04
C THR A 37 6.75 4.20 -22.18
N GLY A 38 6.17 4.53 -23.33
CA GLY A 38 6.38 3.73 -24.51
C GLY A 38 5.66 2.39 -24.54
N LYS A 39 4.58 2.26 -23.78
CA LYS A 39 3.79 1.02 -23.79
C LYS A 39 2.42 1.19 -24.44
N PRO A 40 1.82 0.10 -24.92
CA PRO A 40 0.41 0.20 -25.38
C PRO A 40 -0.48 0.66 -24.25
N VAL A 41 -1.57 1.34 -24.55
CA VAL A 41 -2.44 1.90 -23.51
C VAL A 41 -2.88 0.85 -22.48
N ALA A 42 -3.20 -0.36 -22.93
CA ALA A 42 -3.69 -1.38 -22.02
C ALA A 42 -2.64 -1.80 -20.98
N THR A 43 -1.36 -1.59 -21.30
CA THR A 43 -0.32 -1.93 -20.34
C THR A 43 -0.49 -1.08 -19.07
N TYR A 44 -0.93 0.17 -19.23
CA TYR A 44 -1.21 1.04 -18.10
C TYR A 44 -2.52 0.68 -17.43
N GLU A 45 -3.57 0.55 -18.24
CA GLU A 45 -4.92 0.37 -17.72
C GLU A 45 -5.08 -0.90 -16.89
N THR A 46 -4.32 -1.93 -17.22
CA THR A 46 -4.39 -3.20 -16.51
C THR A 46 -3.25 -3.40 -15.54
N PHE A 47 -2.37 -2.40 -15.40
CA PHE A 47 -1.13 -2.56 -14.63
C PHE A 47 -1.36 -2.80 -13.14
N TRP A 48 -2.52 -2.36 -12.63
CA TRP A 48 -2.81 -2.58 -11.20
C TRP A 48 -3.96 -3.57 -11.02
N GLY A 49 -4.12 -4.46 -11.99
CA GLY A 49 -4.97 -5.63 -11.82
C GLY A 49 -6.44 -5.46 -12.13
N GLN A 50 -6.81 -4.36 -12.80
CA GLN A 50 -8.17 -4.18 -13.30
C GLN A 50 -8.23 -4.56 -14.78
N PRO A 51 -9.38 -5.03 -15.25
CA PRO A 51 -9.58 -5.32 -16.68
C PRO A 51 -9.69 -4.04 -17.50
N GLU A 52 -9.46 -4.12 -18.80
CA GLU A 52 -9.77 -3.00 -19.67
C GLU A 52 -11.25 -2.64 -19.59
N THR A 53 -11.51 -1.34 -19.46
CA THR A 53 -12.88 -0.88 -19.28
C THR A 53 -13.71 -1.04 -20.56
N THR A 54 -14.97 -1.41 -20.41
CA THR A 54 -15.87 -1.56 -21.55
C THR A 54 -17.16 -0.78 -21.35
N GLN A 55 -17.89 -0.58 -22.44
CA GLN A 55 -19.20 0.05 -22.38
C GLN A 55 -20.12 -0.67 -21.41
N ASP A 56 -20.08 -2.01 -21.41
CA ASP A 56 -20.92 -2.82 -20.54
C ASP A 56 -20.78 -2.45 -19.08
N MET A 57 -19.58 -2.04 -18.66
CA MET A 57 -19.35 -1.69 -17.26
C MET A 57 -20.09 -0.42 -16.86
N MET A 58 -20.08 0.58 -17.74
CA MET A 58 -20.80 1.80 -17.46
C MET A 58 -22.31 1.56 -17.51
N THR A 59 -22.74 0.79 -18.50
CA THR A 59 -24.14 0.44 -18.67
C THR A 59 -24.63 -0.27 -17.41
N PHE A 60 -23.78 -1.14 -16.88
CA PHE A 60 -24.11 -1.88 -15.66
C PHE A 60 -24.36 -0.95 -14.49
N LEU A 61 -23.51 0.06 -14.31
CA LEU A 61 -23.68 0.99 -13.19
C LEU A 61 -25.04 1.68 -13.27
N MET A 62 -25.37 2.21 -14.44
CA MET A 62 -26.65 2.89 -14.63
C MET A 62 -27.82 1.95 -14.42
N GLN A 63 -27.68 0.73 -14.91
CA GLN A 63 -28.71 -0.31 -14.79
C GLN A 63 -28.97 -0.70 -13.33
N ASN A 64 -28.00 -0.41 -12.46
CA ASN A 64 -28.09 -0.85 -11.06
C ASN A 64 -28.06 0.29 -10.07
N GLY A 65 -28.66 1.41 -10.44
CA GLY A 65 -28.99 2.44 -9.46
C GLY A 65 -27.90 3.44 -9.18
N PHE A 66 -26.83 3.43 -9.97
CA PHE A 66 -25.78 4.42 -9.82
C PHE A 66 -25.90 5.46 -10.91
N ASN A 67 -25.64 6.72 -10.58
CA ASN A 67 -25.84 7.76 -11.57
C ASN A 67 -24.60 8.59 -11.87
N ALA A 68 -23.47 8.25 -11.26
CA ALA A 68 -22.24 9.01 -11.50
C ALA A 68 -21.01 8.13 -11.35
N VAL A 69 -20.00 8.39 -12.18
CA VAL A 69 -18.76 7.63 -12.10
C VAL A 69 -17.59 8.61 -12.10
N ARG A 70 -16.65 8.37 -11.20
CA ARG A 70 -15.40 9.12 -11.19
C ARG A 70 -14.35 8.27 -11.88
N ILE A 71 -13.69 8.89 -12.84
CA ILE A 71 -12.68 8.25 -13.68
C ILE A 71 -11.30 8.83 -13.37
N PRO A 72 -10.59 8.25 -12.39
CA PRO A 72 -9.24 8.72 -12.07
C PRO A 72 -8.30 8.50 -13.24
N VAL A 73 -7.48 9.50 -13.55
CA VAL A 73 -6.49 9.37 -14.63
C VAL A 73 -5.14 9.89 -14.17
N THR A 74 -4.10 9.07 -14.35
CA THR A 74 -2.73 9.48 -14.08
C THR A 74 -2.05 9.76 -15.41
N TRP A 75 -1.41 10.93 -15.51
CA TRP A 75 -0.96 11.46 -16.78
C TRP A 75 0.54 11.42 -17.05
N TYR A 76 1.38 11.30 -16.02
CA TYR A 76 2.80 11.62 -16.19
C TYR A 76 3.54 10.71 -17.18
N GLU A 77 3.16 9.44 -17.29
CA GLU A 77 3.85 8.57 -18.25
C GLU A 77 3.33 8.77 -19.67
N HIS A 78 2.38 9.68 -19.83
CA HIS A 78 1.74 9.92 -21.11
C HIS A 78 1.99 11.32 -21.63
N MET A 79 3.02 11.97 -21.09
CA MET A 79 3.41 13.31 -21.54
C MET A 79 4.84 13.28 -22.08
N ASP A 80 5.09 13.96 -23.20
CA ASP A 80 6.47 14.04 -23.71
C ASP A 80 7.18 15.13 -22.90
N ALA A 81 8.44 15.40 -23.27
CA ALA A 81 9.26 16.34 -22.52
C ALA A 81 8.71 17.77 -22.50
N GLU A 82 7.89 18.10 -23.51
CA GLU A 82 7.28 19.41 -23.61
C GLU A 82 5.91 19.46 -22.89
N GLY A 83 5.45 18.32 -22.41
CA GLY A 83 4.15 18.28 -21.72
C GLY A 83 2.97 17.96 -22.61
N ASN A 84 3.24 17.54 -23.85
CA ASN A 84 2.19 17.16 -24.79
C ASN A 84 1.67 15.77 -24.44
N VAL A 85 0.35 15.60 -24.38
CA VAL A 85 -0.21 14.29 -24.04
C VAL A 85 -0.25 13.38 -25.27
N ASP A 86 0.23 12.13 -25.08
CA ASP A 86 0.19 11.07 -26.08
C ASP A 86 -1.23 10.94 -26.62
N GLU A 87 -1.39 10.92 -27.94
CA GLU A 87 -2.71 10.87 -28.54
C GLU A 87 -3.46 9.58 -28.19
N ALA A 88 -2.76 8.46 -28.12
CA ALA A 88 -3.42 7.20 -27.76
C ALA A 88 -4.01 7.27 -26.35
N TRP A 89 -3.30 7.93 -25.46
CA TRP A 89 -3.80 8.05 -24.09
C TRP A 89 -5.01 8.97 -24.02
N MET A 90 -4.92 10.15 -24.65
CA MET A 90 -6.06 11.06 -24.64
C MET A 90 -7.29 10.42 -25.30
N MET A 91 -7.09 9.65 -26.37
CA MET A 91 -8.19 8.96 -27.02
C MET A 91 -8.86 7.94 -26.12
N ARG A 92 -8.08 7.28 -25.26
CA ARG A 92 -8.67 6.27 -24.38
C ARG A 92 -9.48 6.95 -23.26
N VAL A 93 -8.97 8.06 -22.75
CA VAL A 93 -9.71 8.83 -21.76
C VAL A 93 -11.04 9.24 -22.37
N LYS A 94 -10.98 9.78 -23.59
CA LYS A 94 -12.17 10.14 -24.35
C LYS A 94 -13.11 8.98 -24.51
N ALA A 95 -12.55 7.81 -24.84
CA ALA A 95 -13.38 6.62 -25.06
C ALA A 95 -14.16 6.19 -23.82
N ILE A 96 -13.50 6.18 -22.66
CA ILE A 96 -14.16 5.76 -21.42
C ILE A 96 -15.16 6.83 -20.98
N VAL A 97 -14.80 8.10 -21.17
CA VAL A 97 -15.77 9.16 -20.98
C VAL A 97 -17.02 8.94 -21.85
N GLU A 98 -16.82 8.59 -23.11
CA GLU A 98 -17.96 8.37 -24.00
C GLU A 98 -18.83 7.18 -23.53
N TYR A 99 -18.19 6.12 -23.02
CA TYR A 99 -18.95 5.01 -22.44
C TYR A 99 -19.88 5.53 -21.36
N ALA A 100 -19.35 6.37 -20.46
CA ALA A 100 -20.15 6.88 -19.35
C ALA A 100 -21.26 7.80 -19.85
N MET A 101 -20.93 8.67 -20.81
CA MET A 101 -21.92 9.56 -21.39
C MET A 101 -23.03 8.75 -22.03
N ASN A 102 -22.64 7.74 -22.82
CA ASN A 102 -23.63 6.90 -23.49
C ASN A 102 -24.58 6.26 -22.50
N ALA A 103 -24.03 5.81 -21.38
CA ALA A 103 -24.82 5.13 -20.36
C ALA A 103 -25.72 6.09 -19.59
N GLY A 104 -25.59 7.40 -19.82
CA GLY A 104 -26.45 8.37 -19.16
C GLY A 104 -25.95 8.82 -17.80
N LEU A 105 -24.71 8.44 -17.47
CA LEU A 105 -24.07 8.79 -16.23
C LEU A 105 -23.49 10.20 -16.23
N TYR A 106 -23.35 10.77 -15.01
CA TYR A 106 -22.40 11.84 -14.84
C TYR A 106 -21.01 11.24 -14.77
N ALA A 107 -20.01 11.98 -15.22
CA ALA A 107 -18.63 11.49 -15.14
C ALA A 107 -17.69 12.59 -14.71
N ILE A 108 -16.68 12.20 -13.94
CA ILE A 108 -15.60 13.10 -13.52
C ILE A 108 -14.27 12.59 -14.06
N VAL A 109 -13.51 13.46 -14.74
CA VAL A 109 -12.15 13.12 -15.14
C VAL A 109 -11.21 14.01 -14.33
N ASN A 110 -10.16 13.41 -13.76
CA ASN A 110 -9.22 14.18 -12.94
C ASN A 110 -7.77 14.01 -13.35
N VAL A 111 -6.91 14.59 -12.54
CA VAL A 111 -5.47 14.39 -12.58
C VAL A 111 -5.13 13.71 -11.26
N HIS A 112 -4.71 12.44 -11.32
CA HIS A 112 -4.75 11.58 -10.13
C HIS A 112 -3.36 11.36 -9.49
N HIS A 113 -2.63 10.31 -9.88
CA HIS A 113 -1.36 10.05 -9.17
C HIS A 113 -0.20 10.92 -9.68
N ASP A 114 -0.54 11.95 -10.44
CA ASP A 114 0.36 13.08 -10.62
C ASP A 114 0.48 13.89 -9.31
N THR A 115 -0.43 13.61 -8.37
CA THR A 115 -0.36 14.10 -6.99
C THR A 115 -0.07 12.95 -6.02
N ALA A 116 0.38 13.35 -4.82
CA ALA A 116 0.49 12.53 -3.60
C ALA A 116 1.84 11.82 -3.51
N ALA A 117 1.86 10.60 -2.98
CA ALA A 117 3.11 10.03 -2.49
C ALA A 117 3.79 9.05 -3.44
N GLY A 118 3.16 8.77 -4.57
CA GLY A 118 3.72 7.83 -5.52
C GLY A 118 4.93 8.37 -6.25
N SER A 119 5.74 7.47 -6.79
CA SER A 119 6.85 7.91 -7.62
C SER A 119 6.20 8.52 -8.86
N GLY A 120 6.75 9.62 -9.34
CA GLY A 120 6.19 10.27 -10.50
C GLY A 120 5.25 11.42 -10.17
N ALA A 121 4.78 11.51 -8.93
CA ALA A 121 3.96 12.66 -8.57
C ALA A 121 4.78 13.94 -8.76
N TRP A 122 4.19 14.95 -9.38
CA TRP A 122 4.89 16.20 -9.69
C TRP A 122 4.10 17.46 -9.30
N ILE A 123 2.83 17.28 -8.98
CA ILE A 123 1.99 18.37 -8.54
C ILE A 123 1.96 18.36 -7.02
N LYS A 124 2.57 19.38 -6.39
CA LYS A 124 2.73 19.37 -4.94
C LYS A 124 2.41 20.72 -4.31
N ALA A 125 1.83 20.66 -3.11
CA ALA A 125 1.47 21.83 -2.34
C ALA A 125 2.72 22.42 -1.68
N ASP A 126 3.49 23.09 -2.53
CA ASP A 126 4.83 23.57 -2.20
C ASP A 126 5.09 24.70 -3.18
N THR A 127 5.43 25.87 -2.66
CA THR A 127 5.49 27.04 -3.52
C THR A 127 6.58 26.92 -4.58
N ASP A 128 7.68 26.24 -4.25
CA ASP A 128 8.75 26.05 -5.22
C ASP A 128 8.33 25.07 -6.32
N VAL A 129 7.67 23.99 -5.92
CA VAL A 129 7.18 23.01 -6.89
C VAL A 129 6.15 23.69 -7.79
N TYR A 130 5.26 24.48 -7.19
CA TYR A 130 4.25 25.20 -7.97
C TYR A 130 4.90 26.12 -9.02
N ALA A 131 5.92 26.86 -8.61
CA ALA A 131 6.59 27.76 -9.54
C ALA A 131 7.16 27.00 -10.73
N ALA A 132 7.69 25.82 -10.46
CA ALA A 132 8.37 25.00 -11.46
C ALA A 132 7.39 24.24 -12.36
N THR A 133 6.15 24.10 -11.93
CA THR A 133 5.21 23.21 -12.63
C THR A 133 3.92 23.87 -13.09
N LYS A 134 3.71 25.13 -12.69
CA LYS A 134 2.47 25.84 -12.99
C LYS A 134 2.09 25.84 -14.46
N GLU A 135 3.03 26.16 -15.34
CA GLU A 135 2.69 26.23 -16.75
C GLU A 135 2.49 24.82 -17.33
N LYS A 136 3.25 23.84 -16.85
CA LYS A 136 3.03 22.45 -17.24
C LYS A 136 1.62 21.99 -16.88
N PHE A 137 1.19 22.36 -15.68
CA PHE A 137 -0.14 21.99 -15.19
C PHE A 137 -1.25 22.63 -16.02
N LYS A 138 -1.08 23.91 -16.36
CA LYS A 138 -2.06 24.61 -17.17
C LYS A 138 -2.08 24.06 -18.60
N LYS A 139 -0.91 23.67 -19.11
CA LYS A 139 -0.86 23.12 -20.47
C LYS A 139 -1.56 21.75 -20.51
N LEU A 140 -1.39 20.97 -19.46
CA LEU A 140 -2.07 19.69 -19.36
C LEU A 140 -3.59 19.90 -19.35
N TRP A 141 -4.07 20.82 -18.52
CA TRP A 141 -5.51 21.02 -18.44
C TRP A 141 -6.08 21.64 -19.71
N THR A 142 -5.28 22.48 -20.36
CA THR A 142 -5.71 23.03 -21.65
C THR A 142 -5.94 21.89 -22.64
N GLN A 143 -5.02 20.93 -22.69
CA GLN A 143 -5.19 19.78 -23.57
C GLN A 143 -6.39 18.90 -23.20
N ILE A 144 -6.55 18.59 -21.92
CA ILE A 144 -7.67 17.76 -21.50
C ILE A 144 -8.98 18.46 -21.82
N ALA A 145 -9.09 19.74 -21.45
CA ALA A 145 -10.30 20.51 -21.71
C ALA A 145 -10.63 20.57 -23.19
N ASN A 146 -9.65 20.84 -24.02
CA ASN A 146 -9.90 20.86 -25.46
C ASN A 146 -10.33 19.49 -25.98
N ALA A 147 -9.67 18.43 -25.54
CA ALA A 147 -10.00 17.10 -26.05
C ALA A 147 -11.41 16.65 -25.65
N LEU A 148 -11.86 17.10 -24.48
CA LEU A 148 -13.16 16.68 -23.93
C LEU A 148 -14.24 17.75 -24.05
N ALA A 149 -13.98 18.79 -24.82
CA ALA A 149 -14.82 19.98 -24.83
C ALA A 149 -16.25 19.74 -25.31
N ASP A 150 -16.44 18.78 -26.22
CA ASP A 150 -17.74 18.66 -26.86
C ASP A 150 -18.75 17.84 -26.06
N TYR A 151 -18.30 17.18 -25.00
CA TYR A 151 -19.22 16.43 -24.16
C TYR A 151 -20.12 17.35 -23.35
N ASP A 152 -21.34 16.91 -23.09
CA ASP A 152 -22.31 17.77 -22.41
C ASP A 152 -22.05 17.91 -20.91
N GLN A 153 -22.98 18.53 -20.22
CA GLN A 153 -22.81 18.94 -18.82
C GLN A 153 -22.73 17.75 -17.87
N HIS A 154 -22.97 16.54 -18.36
CA HIS A 154 -22.77 15.37 -17.51
C HIS A 154 -21.30 15.09 -17.21
N LEU A 155 -20.42 15.66 -18.02
CA LEU A 155 -18.99 15.52 -17.79
C LEU A 155 -18.45 16.68 -16.98
N LEU A 156 -17.77 16.35 -15.88
CA LEU A 156 -17.10 17.35 -15.05
C LEU A 156 -15.59 17.10 -15.04
N PHE A 157 -14.81 18.16 -14.79
CA PHE A 157 -13.36 18.08 -14.62
C PHE A 157 -12.99 18.32 -13.16
N GLU A 158 -12.02 17.55 -12.66
CA GLU A 158 -11.49 17.69 -11.30
C GLU A 158 -9.98 17.98 -11.39
N GLY A 159 -9.56 19.13 -10.87
CA GLY A 159 -8.21 19.64 -11.11
C GLY A 159 -7.06 18.75 -10.69
N TYR A 160 -7.19 18.12 -9.53
CA TYR A 160 -6.11 17.32 -8.93
C TYR A 160 -6.71 16.48 -7.79
N ASN A 161 -6.11 15.32 -7.52
CA ASN A 161 -6.68 14.34 -6.59
C ASN A 161 -6.37 14.59 -5.11
N GLU A 162 -5.15 14.24 -4.70
CA GLU A 162 -4.76 14.35 -3.30
C GLU A 162 -3.41 15.05 -3.23
N MET A 163 -3.44 16.37 -3.37
CA MET A 163 -2.22 17.16 -3.38
C MET A 163 -1.62 17.23 -1.97
N LEU A 164 -0.36 16.87 -1.87
CA LEU A 164 0.39 16.90 -0.61
C LEU A 164 1.59 17.81 -0.75
N ASP A 165 2.20 18.16 0.37
CA ASP A 165 3.43 18.96 0.33
C ASP A 165 4.61 18.06 -0.09
N GLY A 166 5.81 18.63 -0.06
CA GLY A 166 6.99 17.92 -0.52
C GLY A 166 7.42 16.80 0.40
N ASN A 167 6.83 16.75 1.59
CA ASN A 167 7.10 15.68 2.54
C ASN A 167 6.00 14.61 2.54
N ASN A 168 5.07 14.74 1.60
CA ASN A 168 3.93 13.82 1.51
C ASN A 168 3.15 13.77 2.84
N SER A 169 2.96 14.93 3.45
CA SER A 169 2.25 15.04 4.71
CA SER A 169 2.26 15.02 4.71
C SER A 169 0.75 14.89 4.49
N TRP A 170 0.17 13.83 5.05
CA TRP A 170 -1.23 13.50 4.77
C TRP A 170 -2.34 14.31 5.46
N ASP A 171 -2.07 14.92 6.60
CA ASP A 171 -3.15 15.65 7.27
C ASP A 171 -3.12 17.14 6.93
N GLU A 172 -1.93 17.71 6.99
CA GLU A 172 -1.71 19.14 6.81
C GLU A 172 -0.31 19.37 6.27
N PRO A 173 -0.13 20.45 5.49
CA PRO A 173 1.22 20.74 5.00
C PRO A 173 2.14 21.14 6.14
N GLN A 174 3.42 20.83 6.03
CA GLN A 174 4.40 21.19 7.05
C GLN A 174 4.79 22.68 7.01
N LYS A 175 4.42 23.36 5.93
CA LYS A 175 4.62 24.81 5.75
C LYS A 175 3.28 25.43 5.39
N ALA A 176 2.90 26.56 5.99
CA ALA A 176 1.60 27.16 5.69
C ALA A 176 1.51 27.60 4.22
N SER A 177 2.66 27.90 3.62
CA SER A 177 2.65 28.33 2.23
C SER A 177 2.19 27.20 1.31
N GLY A 178 2.21 25.96 1.78
CA GLY A 178 1.67 24.87 0.99
C GLY A 178 0.22 25.13 0.58
N TYR A 179 -0.53 25.80 1.44
CA TYR A 179 -1.91 26.11 1.10
C TYR A 179 -1.99 27.14 -0.03
N GLU A 180 -1.03 28.08 -0.05
CA GLU A 180 -0.98 29.10 -1.10
C GLU A 180 -0.79 28.44 -2.46
N ALA A 181 0.11 27.47 -2.49
CA ALA A 181 0.40 26.74 -3.71
C ALA A 181 -0.82 25.99 -4.20
N LEU A 182 -1.47 25.29 -3.27
CA LEU A 182 -2.67 24.53 -3.62
C LEU A 182 -3.73 25.45 -4.20
N ASN A 183 -3.96 26.56 -3.50
CA ASN A 183 -5.01 27.49 -3.91
C ASN A 183 -4.66 28.07 -5.27
N ASN A 184 -3.37 28.25 -5.53
CA ASN A 184 -2.96 28.78 -6.83
C ASN A 184 -3.15 27.76 -7.94
N TYR A 185 -2.83 26.51 -7.67
CA TYR A 185 -3.11 25.45 -8.64
C TYR A 185 -4.61 25.42 -8.97
N ALA A 186 -5.44 25.52 -7.94
CA ALA A 186 -6.88 25.43 -8.13
C ALA A 186 -7.35 26.56 -9.03
N GLN A 187 -6.79 27.76 -8.83
CA GLN A 187 -7.16 28.89 -9.68
C GLN A 187 -6.66 28.67 -11.11
N ASP A 188 -5.45 28.13 -11.25
CA ASP A 188 -4.89 27.92 -12.58
C ASP A 188 -5.70 26.89 -13.38
N PHE A 189 -6.18 25.87 -12.68
CA PHE A 189 -7.03 24.84 -13.28
C PHE A 189 -8.31 25.47 -13.84
N VAL A 190 -9.00 26.22 -13.00
CA VAL A 190 -10.22 26.87 -13.45
C VAL A 190 -9.93 27.81 -14.62
N ASP A 191 -8.86 28.61 -14.50
CA ASP A 191 -8.51 29.55 -15.57
C ASP A 191 -8.24 28.84 -16.90
N ALA A 192 -7.46 27.77 -16.85
CA ALA A 192 -7.08 27.06 -18.06
C ALA A 192 -8.28 26.40 -18.74
N VAL A 193 -9.17 25.82 -17.94
CA VAL A 193 -10.35 25.17 -18.50
C VAL A 193 -11.28 26.21 -19.13
N ARG A 194 -11.56 27.27 -18.38
CA ARG A 194 -12.49 28.29 -18.87
C ARG A 194 -11.99 28.93 -20.14
N ALA A 195 -10.67 29.03 -20.28
CA ALA A 195 -10.09 29.70 -21.44
C ALA A 195 -10.37 28.95 -22.74
N THR A 196 -10.62 27.65 -22.66
CA THR A 196 -10.84 26.86 -23.86
C THR A 196 -12.24 27.09 -24.45
N GLY A 197 -13.11 27.73 -23.67
CA GLY A 197 -14.42 28.15 -24.16
C GLY A 197 -15.40 27.03 -24.52
N GLY A 198 -16.38 27.36 -25.36
CA GLY A 198 -17.39 26.37 -25.70
C GLY A 198 -18.14 25.93 -24.46
N ASN A 199 -18.45 24.63 -24.39
CA ASN A 199 -19.11 24.08 -23.19
C ASN A 199 -18.27 24.30 -21.93
N ASN A 200 -16.96 24.35 -22.10
CA ASN A 200 -16.07 24.50 -20.95
C ASN A 200 -16.19 25.87 -20.29
N ALA A 201 -16.86 26.81 -20.95
CA ALA A 201 -17.12 28.12 -20.36
C ALA A 201 -18.01 28.01 -19.12
N THR A 202 -18.90 27.02 -19.09
CA THR A 202 -19.84 26.87 -17.99
C THR A 202 -19.90 25.45 -17.41
N ARG A 203 -19.01 24.57 -17.87
CA ARG A 203 -18.92 23.23 -17.30
C ARG A 203 -18.67 23.27 -15.80
N ASN A 204 -19.29 22.36 -15.07
CA ASN A 204 -19.02 22.27 -13.64
C ASN A 204 -17.64 21.66 -13.35
N LEU A 205 -16.89 22.34 -12.50
CA LEU A 205 -15.50 21.98 -12.19
C LEU A 205 -15.35 21.67 -10.71
N ILE A 206 -14.46 20.75 -10.39
CA ILE A 206 -14.29 20.29 -9.01
C ILE A 206 -12.88 20.58 -8.54
N VAL A 207 -12.76 21.24 -7.39
CA VAL A 207 -11.47 21.54 -6.79
C VAL A 207 -11.40 20.90 -5.40
N ASN A 208 -10.25 20.29 -5.10
CA ASN A 208 -10.11 19.51 -3.89
C ASN A 208 -9.31 20.26 -2.82
N THR A 209 -9.58 19.94 -1.55
CA THR A 209 -8.80 20.49 -0.44
C THR A 209 -7.41 19.84 -0.39
N TYR A 210 -6.54 20.38 0.46
CA TYR A 210 -5.24 19.74 0.73
C TYR A 210 -5.45 18.29 1.12
N ALA A 211 -4.78 17.37 0.42
CA ALA A 211 -4.86 15.92 0.68
C ALA A 211 -6.27 15.35 0.57
N ALA A 212 -7.18 16.12 -0.03
CA ALA A 212 -8.62 15.88 0.06
C ALA A 212 -9.06 15.66 1.51
N ALA A 213 -8.37 16.33 2.43
CA ALA A 213 -8.66 16.19 3.86
C ALA A 213 -9.65 17.24 4.33
N LYS A 214 -10.06 17.13 5.60
CA LYS A 214 -11.15 17.99 6.08
C LYS A 214 -10.98 18.49 7.50
N GLY A 215 -9.75 18.46 8.00
CA GLY A 215 -9.46 19.01 9.32
C GLY A 215 -9.67 20.52 9.37
N GLU A 216 -9.70 21.07 10.59
CA GLU A 216 -9.95 22.48 10.81
C GLU A 216 -9.01 23.39 10.02
N ASN A 217 -7.72 23.12 10.10
CA ASN A 217 -6.78 24.01 9.45
C ASN A 217 -6.87 23.91 7.92
N VAL A 218 -7.10 22.69 7.41
CA VAL A 218 -7.21 22.47 5.97
C VAL A 218 -8.41 23.21 5.41
N LEU A 219 -9.54 23.13 6.09
CA LEU A 219 -10.74 23.82 5.59
C LEU A 219 -10.59 25.35 5.71
N ASN A 220 -9.97 25.83 6.78
CA ASN A 220 -9.86 27.26 6.98
C ASN A 220 -8.92 27.90 5.98
N ASN A 221 -7.97 27.12 5.47
CA ASN A 221 -6.96 27.66 4.56
C ASN A 221 -7.23 27.30 3.11
N PHE A 222 -8.39 26.71 2.86
CA PHE A 222 -8.84 26.49 1.50
C PHE A 222 -9.50 27.75 0.98
N MET A 223 -9.10 28.15 -0.22
CA MET A 223 -9.70 29.29 -0.88
C MET A 223 -10.30 28.87 -2.22
N LEU A 224 -11.61 29.01 -2.35
CA LEU A 224 -12.27 28.68 -3.63
C LEU A 224 -11.78 29.63 -4.73
N PRO A 225 -11.40 29.08 -5.90
CA PRO A 225 -10.98 29.93 -7.03
C PRO A 225 -12.06 30.92 -7.44
N THR A 226 -11.62 32.04 -8.00
CA THR A 226 -12.54 33.00 -8.59
CA THR A 226 -12.55 33.00 -8.58
C THR A 226 -12.98 32.49 -9.95
N ASP A 227 -14.28 32.61 -10.23
CA ASP A 227 -14.85 32.09 -11.46
C ASP A 227 -15.76 33.15 -12.06
N ALA A 228 -15.61 33.42 -13.35
CA ALA A 228 -16.36 34.50 -13.98
C ALA A 228 -17.81 34.13 -14.26
N VAL A 229 -18.13 32.85 -14.15
CA VAL A 229 -19.50 32.39 -14.32
C VAL A 229 -20.02 31.98 -12.95
N ASN A 230 -21.33 31.87 -12.79
CA ASN A 230 -21.85 31.65 -11.46
C ASN A 230 -22.18 30.19 -11.17
N ASN A 231 -21.91 29.79 -9.92
CA ASN A 231 -22.33 28.48 -9.42
C ASN A 231 -21.90 27.29 -10.27
N HIS A 232 -20.64 27.26 -10.69
CA HIS A 232 -20.14 26.12 -11.45
C HIS A 232 -18.88 25.54 -10.85
N LEU A 233 -18.75 25.66 -9.53
CA LEU A 233 -17.65 25.04 -8.80
C LEU A 233 -18.16 24.12 -7.68
N ILE A 234 -17.48 23.00 -7.50
CA ILE A 234 -17.77 22.01 -6.47
C ILE A 234 -16.48 21.72 -5.71
N VAL A 235 -16.54 21.60 -4.39
CA VAL A 235 -15.34 21.22 -3.65
CA VAL A 235 -15.38 21.21 -3.58
C VAL A 235 -15.41 19.73 -3.27
N GLN A 236 -14.27 19.06 -3.31
CA GLN A 236 -14.22 17.63 -3.04
C GLN A 236 -13.27 17.27 -1.91
N VAL A 237 -13.73 16.39 -1.04
CA VAL A 237 -12.90 15.77 -0.02
C VAL A 237 -13.07 14.26 -0.06
N HIS A 238 -12.20 13.55 0.64
CA HIS A 238 -12.27 12.08 0.70
C HIS A 238 -12.46 11.61 2.15
N SER A 239 -12.87 10.37 2.34
CA SER A 239 -13.09 9.90 3.71
C SER A 239 -12.80 8.42 3.90
N TYR A 240 -11.84 8.12 4.78
CA TYR A 240 -11.60 6.74 5.22
C TYR A 240 -11.61 6.75 6.74
N ASP A 241 -12.68 7.33 7.28
CA ASP A 241 -12.79 7.70 8.69
C ASP A 241 -13.82 6.87 9.43
N PRO A 242 -13.56 6.53 10.71
CA PRO A 242 -12.33 6.82 11.47
C PRO A 242 -11.17 5.98 10.91
N TRP A 243 -10.00 6.58 10.79
CA TRP A 243 -8.87 5.91 10.14
C TRP A 243 -8.59 4.53 10.76
N ASN A 244 -8.47 3.55 9.86
CA ASN A 244 -8.15 2.16 10.19
C ASN A 244 -9.28 1.39 10.91
N PHE A 245 -10.50 1.89 10.80
CA PHE A 245 -11.64 1.24 11.45
C PHE A 245 -11.85 -0.18 10.93
N PHE A 246 -11.45 -0.44 9.68
CA PHE A 246 -11.69 -1.75 9.10
C PHE A 246 -10.88 -2.80 9.86
N ASN A 247 -9.76 -2.38 10.43
CA ASN A 247 -8.93 -3.31 11.20
C ASN A 247 -9.20 -3.31 12.69
N THR A 248 -9.71 -2.21 13.23
CA THR A 248 -9.88 -2.09 14.67
C THR A 248 -11.29 -2.39 15.15
N LYS A 249 -12.27 -2.26 14.23
CA LYS A 249 -13.69 -2.42 14.53
C LYS A 249 -14.24 -3.71 13.96
N THR A 250 -15.22 -4.31 14.63
CA THR A 250 -15.99 -5.39 14.03
C THR A 250 -17.36 -4.89 13.62
N THR A 251 -17.75 -3.73 14.15
CA THR A 251 -19.06 -3.16 13.86
C THR A 251 -18.96 -1.65 13.65
N TRP A 252 -19.82 -1.12 12.78
CA TRP A 252 -19.92 0.31 12.55
C TRP A 252 -20.64 0.93 13.74
N ASP A 253 -19.87 1.32 14.75
CA ASP A 253 -20.45 1.64 16.05
C ASP A 253 -20.68 3.16 16.22
N SER A 254 -21.03 3.59 17.42
CA SER A 254 -21.34 4.99 17.66
CA SER A 254 -21.35 5.00 17.62
C SER A 254 -20.16 5.90 17.35
N GLU A 255 -18.96 5.44 17.67
CA GLU A 255 -17.78 6.24 17.33
C GLU A 255 -17.71 6.51 15.82
N CYS A 256 -17.94 5.47 15.03
CA CYS A 256 -17.91 5.58 13.59
C CYS A 256 -19.00 6.53 13.11
N HIS A 257 -20.21 6.32 13.60
CA HIS A 257 -21.32 7.16 13.18
C HIS A 257 -21.10 8.60 13.56
N ASN A 258 -20.67 8.84 14.80
CA ASN A 258 -20.48 10.21 15.27
C ASN A 258 -19.34 10.89 14.52
N THR A 259 -18.33 10.12 14.15
CA THR A 259 -17.21 10.66 13.38
C THR A 259 -17.71 11.23 12.06
N LEU A 260 -18.54 10.47 11.36
CA LEU A 260 -19.08 10.92 10.08
C LEU A 260 -20.06 12.07 10.24
N THR A 261 -20.91 12.02 11.27
CA THR A 261 -21.87 13.12 11.43
C THR A 261 -21.12 14.42 11.68
N GLU A 262 -20.05 14.35 12.46
CA GLU A 262 -19.26 15.54 12.75
C GLU A 262 -18.51 16.04 11.51
N ILE A 263 -18.09 15.12 10.65
CA ILE A 263 -17.40 15.49 9.42
C ILE A 263 -18.34 16.26 8.51
N PHE A 264 -19.54 15.75 8.31
CA PHE A 264 -20.49 16.44 7.44
C PHE A 264 -20.92 17.77 8.06
N SER A 265 -21.05 17.83 9.38
CA SER A 265 -21.41 19.09 10.03
CA SER A 265 -21.41 19.09 10.02
C SER A 265 -20.34 20.14 9.76
N ALA A 266 -19.07 19.74 9.88
CA ALA A 266 -17.97 20.67 9.66
C ALA A 266 -17.92 21.13 8.20
N LEU A 267 -18.15 20.21 7.28
CA LEU A 267 -18.14 20.55 5.86
C LEU A 267 -19.28 21.50 5.51
N SER A 268 -20.47 21.23 6.03
CA SER A 268 -21.60 22.07 5.71
C SER A 268 -21.48 23.46 6.34
N LYS A 269 -20.78 23.55 7.47
CA LYS A 269 -20.66 24.86 8.11
C LYS A 269 -19.57 25.70 7.41
N LYS A 270 -18.58 25.02 6.86
CA LYS A 270 -17.53 25.70 6.10
C LYS A 270 -18.00 26.17 4.72
N PHE A 271 -18.69 25.32 3.98
CA PHE A 271 -18.96 25.65 2.58
C PHE A 271 -20.33 26.23 2.28
N THR A 272 -21.23 26.19 3.26
CA THR A 272 -22.59 26.72 3.13
C THR A 272 -23.19 26.55 1.74
N THR A 273 -23.07 27.59 0.91
CA THR A 273 -23.71 27.63 -0.41
C THR A 273 -22.90 26.94 -1.51
N ILE A 274 -21.64 26.62 -1.22
CA ILE A 274 -20.84 25.97 -2.25
C ILE A 274 -21.07 24.48 -2.04
N PRO A 275 -21.43 23.74 -3.12
CA PRO A 275 -21.65 22.30 -2.92
C PRO A 275 -20.36 21.54 -2.75
N TYR A 276 -20.40 20.46 -1.99
CA TYR A 276 -19.24 19.59 -1.86
C TYR A 276 -19.62 18.14 -2.04
N ILE A 277 -18.62 17.31 -2.39
CA ILE A 277 -18.81 15.88 -2.51
C ILE A 277 -17.75 15.10 -1.75
N ILE A 278 -18.12 13.89 -1.35
CA ILE A 278 -17.19 12.90 -0.85
C ILE A 278 -16.75 12.09 -2.08
N GLY A 279 -15.62 12.47 -2.66
CA GLY A 279 -15.24 11.94 -3.96
C GLY A 279 -14.66 10.55 -3.91
N ALA A 280 -14.31 10.10 -2.71
CA ALA A 280 -13.79 8.76 -2.52
C ALA A 280 -13.90 8.37 -1.07
N TYR A 281 -14.46 7.19 -0.81
CA TYR A 281 -14.54 6.66 0.55
C TYR A 281 -14.53 5.14 0.49
N GLY A 282 -14.18 4.52 1.60
CA GLY A 282 -14.15 3.07 1.65
C GLY A 282 -13.52 2.60 2.93
N THR A 283 -13.22 1.30 2.97
CA THR A 283 -12.68 0.64 4.15
C THR A 283 -11.17 0.67 4.24
N HIS A 284 -10.53 1.28 3.24
CA HIS A 284 -9.07 1.25 3.11
C HIS A 284 -8.39 1.86 4.33
N GLY A 285 -7.56 1.05 4.99
CA GLY A 285 -6.90 1.46 6.22
C GLY A 285 -5.40 1.23 6.20
N GLU A 286 -4.83 0.92 7.37
CA GLU A 286 -3.39 0.71 7.45
C GLU A 286 -2.93 -0.43 6.56
N SER A 287 -1.69 -0.34 6.06
CA SER A 287 -1.11 -1.35 5.18
C SER A 287 -2.00 -1.61 3.96
N ASP A 288 -2.69 -0.54 3.55
CA ASP A 288 -3.79 -0.56 2.57
C ASP A 288 -4.59 -1.85 2.56
N ILE A 289 -5.04 -2.24 3.74
CA ILE A 289 -5.98 -3.32 3.87
C ILE A 289 -7.38 -2.79 3.61
N SER A 290 -8.17 -3.55 2.86
CA SER A 290 -9.55 -3.17 2.57
C SER A 290 -10.41 -4.40 2.38
N VAL A 291 -11.72 -4.21 2.40
CA VAL A 291 -12.67 -5.32 2.30
C VAL A 291 -12.64 -5.97 0.91
N SER A 292 -12.89 -7.28 0.86
CA SER A 292 -13.12 -7.98 -0.40
C SER A 292 -14.22 -9.01 -0.20
N LYS A 293 -14.59 -9.70 -1.27
CA LYS A 293 -15.70 -10.65 -1.15
C LYS A 293 -15.31 -11.88 -0.31
N SER A 294 -14.03 -12.03 0.00
CA SER A 294 -13.62 -13.13 0.89
C SER A 294 -13.33 -12.67 2.33
N SER A 295 -13.57 -11.39 2.60
CA SER A 295 -13.57 -10.90 3.97
C SER A 295 -14.64 -11.63 4.79
N PRO A 296 -14.40 -11.80 6.10
CA PRO A 296 -15.44 -12.37 6.95
C PRO A 296 -16.75 -11.61 6.81
N ALA A 297 -17.88 -12.32 6.94
CA ALA A 297 -19.20 -11.71 6.76
C ALA A 297 -19.36 -10.47 7.63
N GLU A 298 -18.83 -10.55 8.84
CA GLU A 298 -18.94 -9.46 9.80
C GLU A 298 -18.24 -8.20 9.28
N LYS A 299 -17.13 -8.39 8.58
CA LYS A 299 -16.38 -7.26 8.02
C LYS A 299 -17.08 -6.71 6.79
N ILE A 300 -17.74 -7.57 6.02
CA ILE A 300 -18.52 -7.09 4.89
C ILE A 300 -19.71 -6.25 5.37
N LYS A 301 -20.34 -6.68 6.46
CA LYS A 301 -21.41 -5.92 7.08
C LYS A 301 -20.92 -4.57 7.59
N LEU A 302 -19.73 -4.56 8.18
CA LEU A 302 -19.08 -3.31 8.57
C LEU A 302 -18.96 -2.38 7.36
N ALA A 303 -18.51 -2.92 6.23
CA ALA A 303 -18.42 -2.09 5.02
C ALA A 303 -19.80 -1.61 4.56
N ALA A 304 -20.80 -2.46 4.65
CA ALA A 304 -22.16 -2.06 4.24
C ALA A 304 -22.69 -0.91 5.10
N ASP A 305 -22.47 -1.03 6.41
CA ASP A 305 -22.95 -0.02 7.35
C ASP A 305 -22.23 1.33 7.16
N GLN A 306 -20.93 1.31 6.88
CA GLN A 306 -20.22 2.55 6.56
C GLN A 306 -20.87 3.21 5.35
N ALA A 307 -21.10 2.42 4.31
CA ALA A 307 -21.54 2.93 3.03
C ALA A 307 -22.96 3.50 3.15
N ALA A 308 -23.82 2.80 3.88
CA ALA A 308 -25.17 3.30 4.11
C ALA A 308 -25.12 4.64 4.84
N ASP A 309 -24.29 4.73 5.87
CA ASP A 309 -24.20 5.96 6.66
C ASP A 309 -23.64 7.11 5.81
N MET A 310 -22.61 6.84 5.04
CA MET A 310 -22.05 7.86 4.16
C MET A 310 -23.08 8.39 3.17
N VAL A 311 -23.82 7.47 2.56
CA VAL A 311 -24.82 7.86 1.57
C VAL A 311 -25.98 8.68 2.17
N LYS A 312 -26.52 8.25 3.31
CA LYS A 312 -27.63 9.01 3.87
C LYS A 312 -27.19 10.36 4.45
N LEU A 313 -26.02 10.40 5.08
CA LEU A 313 -25.53 11.68 5.59
C LEU A 313 -25.29 12.66 4.43
N ALA A 314 -24.72 12.17 3.33
CA ALA A 314 -24.52 13.05 2.18
C ALA A 314 -25.85 13.58 1.66
N LYS A 315 -26.87 12.72 1.61
CA LYS A 315 -28.19 13.13 1.16
C LYS A 315 -28.73 14.24 2.05
N ASP A 316 -28.62 14.03 3.37
CA ASP A 316 -29.07 15.03 4.33
C ASP A 316 -28.38 16.37 4.14
N HIS A 317 -27.13 16.33 3.70
CA HIS A 317 -26.31 17.53 3.57
C HIS A 317 -26.21 18.04 2.13
N HIS A 318 -27.08 17.55 1.24
CA HIS A 318 -27.09 18.01 -0.15
C HIS A 318 -25.71 17.84 -0.77
N SER A 319 -25.13 16.68 -0.48
CA SER A 319 -23.83 16.28 -0.99
C SER A 319 -24.05 15.06 -1.89
N ALA A 320 -22.96 14.36 -2.21
CA ALA A 320 -23.01 13.13 -3.00
C ALA A 320 -21.74 12.36 -2.73
N THR A 321 -21.72 11.07 -3.07
CA THR A 321 -20.61 10.20 -2.67
C THR A 321 -20.17 9.28 -3.80
N PHE A 322 -18.89 8.93 -3.80
CA PHE A 322 -18.33 8.01 -4.82
C PHE A 322 -17.52 6.92 -4.11
N TYR A 323 -17.99 5.68 -4.22
CA TYR A 323 -17.34 4.56 -3.53
C TYR A 323 -15.97 4.29 -4.13
N TRP A 324 -14.94 4.12 -3.30
CA TRP A 324 -13.63 3.77 -3.87
C TRP A 324 -13.53 2.26 -4.10
N MET A 325 -13.84 1.84 -5.33
CA MET A 325 -13.42 0.55 -5.92
C MET A 325 -14.13 -0.73 -5.47
N SER A 326 -14.22 -0.95 -4.17
CA SER A 326 -14.42 -2.30 -3.64
C SER A 326 -15.69 -2.99 -4.12
N ILE A 327 -16.76 -2.23 -4.33
CA ILE A 327 -18.05 -2.83 -4.66
C ILE A 327 -18.11 -3.43 -6.08
N PHE A 328 -17.16 -3.06 -6.94
CA PHE A 328 -17.21 -3.44 -8.36
C PHE A 328 -15.79 -3.56 -8.88
N ASP A 329 -15.18 -4.72 -8.62
CA ASP A 329 -13.74 -4.86 -8.68
C ASP A 329 -13.25 -6.04 -9.50
N GLY A 330 -12.14 -5.83 -10.22
CA GLY A 330 -11.44 -6.93 -10.85
C GLY A 330 -12.30 -7.71 -11.84
N SER A 331 -12.22 -9.03 -11.78
CA SER A 331 -12.93 -9.86 -12.74
C SER A 331 -14.44 -9.71 -12.62
N ASP A 332 -14.93 -9.17 -11.51
CA ASP A 332 -16.37 -8.95 -11.43
C ASP A 332 -16.81 -7.89 -12.44
N ARG A 333 -15.91 -6.95 -12.78
CA ARG A 333 -16.27 -5.93 -13.76
C ARG A 333 -16.57 -6.51 -15.15
N ILE A 334 -15.91 -7.63 -15.46
N ILE A 334 -15.91 -7.63 -15.48
CA ILE A 334 -16.04 -8.28 -16.77
CA ILE A 334 -16.03 -8.24 -16.80
C ILE A 334 -17.38 -8.98 -16.95
C ILE A 334 -17.33 -9.05 -16.95
N GLN A 335 -17.98 -9.39 -15.83
CA GLN A 335 -19.15 -10.25 -15.89
C GLN A 335 -20.38 -9.59 -16.58
N PRO A 336 -20.82 -8.39 -16.15
CA PRO A 336 -20.50 -7.58 -14.96
C PRO A 336 -21.43 -7.95 -13.82
N GLN A 337 -20.88 -7.99 -12.60
CA GLN A 337 -21.66 -8.22 -11.38
C GLN A 337 -21.02 -7.45 -10.24
N TRP A 338 -21.80 -7.14 -9.22
CA TRP A 338 -21.22 -6.52 -8.04
C TRP A 338 -20.28 -7.47 -7.33
N SER A 339 -19.17 -6.93 -6.83
CA SER A 339 -18.28 -7.68 -5.94
C SER A 339 -18.87 -7.80 -4.55
N LEU A 340 -19.53 -6.73 -4.11
CA LEU A 340 -20.09 -6.67 -2.76
C LEU A 340 -21.56 -6.29 -2.80
N PRO A 341 -22.42 -7.24 -3.22
CA PRO A 341 -23.85 -6.92 -3.37
C PRO A 341 -24.53 -6.48 -2.07
N THR A 342 -24.07 -6.92 -0.90
CA THR A 342 -24.74 -6.48 0.34
C THR A 342 -24.40 -5.03 0.64
N VAL A 343 -23.21 -4.61 0.26
CA VAL A 343 -22.82 -3.22 0.44
C VAL A 343 -23.66 -2.35 -0.48
N VAL A 344 -23.82 -2.78 -1.72
CA VAL A 344 -24.63 -2.02 -2.68
C VAL A 344 -26.11 -1.94 -2.26
N GLU A 345 -26.67 -3.05 -1.78
CA GLU A 345 -28.06 -3.05 -1.32
C GLU A 345 -28.26 -2.04 -0.19
N ALA A 346 -27.30 -1.96 0.73
CA ALA A 346 -27.39 -1.00 1.82
C ALA A 346 -27.33 0.43 1.31
N MET A 347 -26.47 0.66 0.32
CA MET A 347 -26.36 1.99 -0.28
C MET A 347 -27.66 2.39 -0.97
N GLN A 348 -28.25 1.44 -1.68
CA GLN A 348 -29.48 1.71 -2.43
C GLN A 348 -30.62 2.03 -1.47
N GLU A 349 -30.72 1.29 -0.38
CA GLU A 349 -31.74 1.58 0.62
C GLU A 349 -31.55 2.99 1.18
N ALA A 350 -30.29 3.33 1.48
CA ALA A 350 -29.97 4.63 2.06
C ALA A 350 -30.27 5.78 1.11
N TYR A 351 -30.10 5.56 -0.19
CA TYR A 351 -30.29 6.65 -1.13
C TYR A 351 -31.75 6.84 -1.49
N ASN A 352 -32.50 5.76 -1.56
CA ASN A 352 -33.84 5.87 -2.08
C ASN A 352 -34.89 6.06 -0.98
N ASN A 353 -34.45 6.12 0.26
CA ASN A 353 -35.33 6.52 1.34
C ASN A 353 -34.80 7.78 2.05
N THR B 7 18.86 -26.90 26.01
CA THR B 7 20.30 -26.96 25.83
C THR B 7 20.72 -26.44 24.46
N TYR B 8 21.73 -25.58 24.45
CA TYR B 8 22.23 -24.97 23.23
C TYR B 8 23.25 -25.85 22.52
N MET B 9 23.05 -26.06 21.22
CA MET B 9 24.01 -26.77 20.39
C MET B 9 24.41 -25.92 19.21
N GLU B 10 25.65 -25.46 19.20
CA GLU B 10 26.14 -24.59 18.12
C GLU B 10 25.92 -25.26 16.77
N GLU B 11 25.36 -24.51 15.83
CA GLU B 11 25.07 -25.00 14.50
C GLU B 11 25.55 -23.97 13.47
N SER B 12 26.17 -24.41 12.40
CA SER B 12 26.70 -23.49 11.40
C SER B 12 25.56 -22.81 10.65
N ALA B 13 25.86 -21.66 10.06
CA ALA B 13 24.85 -20.91 9.32
C ALA B 13 24.28 -21.72 8.15
N GLN B 14 25.15 -22.40 7.40
CA GLN B 14 24.67 -23.20 6.28
C GLN B 14 23.80 -24.36 6.76
N SER B 15 24.19 -24.99 7.87
CA SER B 15 23.41 -26.10 8.40
C SER B 15 22.01 -25.64 8.77
N ALA B 16 21.91 -24.49 9.42
CA ALA B 16 20.62 -23.89 9.75
C ALA B 16 19.76 -23.65 8.50
N VAL B 17 20.33 -22.99 7.49
CA VAL B 17 19.62 -22.70 6.25
C VAL B 17 19.13 -24.00 5.61
N ASP B 18 19.95 -25.03 5.64
CA ASP B 18 19.58 -26.32 5.08
C ASP B 18 18.45 -26.99 5.86
N ASN B 19 18.26 -26.58 7.10
CA ASN B 19 17.21 -27.16 7.94
C ASN B 19 15.94 -26.33 8.02
N PHE B 20 15.96 -25.11 7.48
CA PHE B 20 14.78 -24.25 7.52
C PHE B 20 13.60 -24.88 6.78
N GLY B 21 13.87 -25.56 5.67
CA GLY B 21 12.80 -26.12 4.86
C GLY B 21 11.87 -25.04 4.33
N LEU B 22 10.57 -25.33 4.35
CA LEU B 22 9.56 -24.33 4.00
C LEU B 22 9.38 -23.32 5.13
N GLY B 23 9.50 -22.04 4.81
CA GLY B 23 9.34 -20.99 5.81
C GLY B 23 8.14 -20.08 5.57
N PHE B 24 7.73 -19.40 6.64
CA PHE B 24 6.57 -18.53 6.63
C PHE B 24 6.85 -17.27 7.45
N ASN B 25 6.37 -16.14 6.93
CA ASN B 25 6.38 -14.86 7.66
C ASN B 25 5.10 -14.60 8.39
N LEU B 26 5.19 -14.46 9.71
CA LEU B 26 4.04 -14.01 10.52
C LEU B 26 3.86 -12.50 10.39
N GLY B 27 3.50 -12.04 9.18
CA GLY B 27 3.54 -10.61 8.87
C GLY B 27 2.34 -9.83 9.33
N ASN B 28 2.50 -8.51 9.36
CA ASN B 28 1.45 -7.58 9.80
C ASN B 28 0.92 -7.91 11.18
N THR B 29 1.82 -8.42 12.02
CA THR B 29 1.46 -8.90 13.35
C THR B 29 2.26 -8.11 14.39
N LEU B 30 3.38 -8.62 14.89
CA LEU B 30 4.17 -7.82 15.82
C LEU B 30 4.89 -6.67 15.11
N ASP B 31 4.87 -6.69 13.78
CA ASP B 31 5.42 -5.61 12.97
C ASP B 31 4.39 -4.51 12.73
N ALA B 32 3.13 -4.77 13.06
CA ALA B 32 2.09 -3.75 12.87
C ALA B 32 2.38 -2.56 13.78
N ASN B 33 2.06 -1.35 13.31
CA ASN B 33 2.42 -0.14 14.02
C ASN B 33 1.60 1.05 13.54
N GLY B 34 1.59 2.13 14.31
CA GLY B 34 0.94 3.36 13.91
C GLY B 34 -0.03 3.89 14.94
N CYS B 35 -0.33 3.10 15.96
CA CYS B 35 -1.30 3.48 16.98
C CYS B 35 -0.67 4.32 18.09
N GLY B 36 0.65 4.47 18.04
CA GLY B 36 1.36 5.25 19.04
C GLY B 36 1.89 4.43 20.18
N THR B 37 2.76 5.04 20.99
CA THR B 37 3.28 4.43 22.21
CA THR B 37 3.26 4.38 22.18
C THR B 37 2.19 4.33 23.28
N GLY B 38 2.40 3.45 24.25
CA GLY B 38 1.57 3.36 25.44
C GLY B 38 0.21 2.70 25.36
N LYS B 39 0.04 1.85 24.37
CA LYS B 39 -1.20 1.12 24.17
C LYS B 39 -0.99 -0.29 24.68
N PRO B 40 -2.10 -0.99 24.97
CA PRO B 40 -1.95 -2.40 25.34
C PRO B 40 -1.28 -3.20 24.23
N VAL B 41 -0.58 -4.26 24.61
CA VAL B 41 0.15 -5.07 23.66
C VAL B 41 -0.74 -5.56 22.52
N ALA B 42 -1.95 -5.99 22.85
CA ALA B 42 -2.85 -6.56 21.85
C ALA B 42 -3.28 -5.52 20.83
N THR B 43 -3.26 -4.26 21.21
CA THR B 43 -3.65 -3.19 20.28
C THR B 43 -2.70 -3.16 19.10
N TYR B 44 -1.43 -3.42 19.36
CA TYR B 44 -0.43 -3.47 18.29
C TYR B 44 -0.57 -4.72 17.45
N GLU B 45 -0.64 -5.86 18.12
CA GLU B 45 -0.63 -7.13 17.42
C GLU B 45 -1.81 -7.26 16.46
N THR B 46 -2.94 -6.64 16.81
CA THR B 46 -4.14 -6.71 15.96
C THR B 46 -4.41 -5.45 15.11
N PHE B 47 -3.49 -4.49 15.15
CA PHE B 47 -3.73 -3.18 14.51
C PHE B 47 -3.88 -3.25 13.00
N TRP B 48 -3.31 -4.27 12.37
CA TRP B 48 -3.39 -4.42 10.93
C TRP B 48 -4.21 -5.65 10.56
N GLY B 49 -5.11 -6.03 11.45
CA GLY B 49 -6.16 -6.99 11.12
C GLY B 49 -5.80 -8.45 11.27
N GLN B 50 -4.69 -8.75 11.94
CA GLN B 50 -4.38 -10.14 12.25
C GLN B 50 -4.87 -10.49 13.65
N PRO B 51 -5.23 -11.76 13.86
CA PRO B 51 -5.62 -12.21 15.20
C PRO B 51 -4.39 -12.27 16.12
N GLU B 52 -4.61 -12.23 17.42
CA GLU B 52 -3.52 -12.48 18.37
C GLU B 52 -2.97 -13.88 18.13
N THR B 53 -1.65 -13.98 18.11
CA THR B 53 -0.94 -15.21 17.80
C THR B 53 -1.11 -16.26 18.90
N THR B 54 -1.24 -17.52 18.51
CA THR B 54 -1.35 -18.62 19.48
C THR B 54 -0.36 -19.72 19.22
N GLN B 55 -0.14 -20.55 20.24
CA GLN B 55 0.67 -21.74 20.10
C GLN B 55 0.18 -22.64 18.98
N ASP B 56 -1.14 -22.78 18.88
CA ASP B 56 -1.75 -23.64 17.86
C ASP B 56 -1.29 -23.25 16.45
N MET B 57 -1.05 -21.96 16.23
CA MET B 57 -0.65 -21.50 14.91
C MET B 57 0.74 -22.00 14.55
N MET B 58 1.65 -21.98 15.53
CA MET B 58 3.00 -22.46 15.27
C MET B 58 3.02 -23.98 15.12
N THR B 59 2.26 -24.66 15.97
CA THR B 59 2.13 -26.11 15.88
C THR B 59 1.59 -26.52 14.51
N PHE B 60 0.62 -25.76 14.01
CA PHE B 60 0.01 -26.02 12.71
C PHE B 60 1.06 -25.95 11.58
N LEU B 61 1.92 -24.94 11.63
CA LEU B 61 2.97 -24.82 10.63
C LEU B 61 3.85 -26.06 10.62
N MET B 62 4.31 -26.46 11.80
CA MET B 62 5.21 -27.60 11.90
C MET B 62 4.54 -28.88 11.43
N GLN B 63 3.29 -29.08 11.83
CA GLN B 63 2.57 -30.31 11.52
CA GLN B 63 2.57 -30.32 11.53
C GLN B 63 2.13 -30.36 10.07
N ASN B 64 2.29 -29.24 9.35
CA ASN B 64 1.90 -29.21 7.95
C ASN B 64 3.07 -28.85 7.02
N GLY B 65 4.26 -29.33 7.39
CA GLY B 65 5.38 -29.34 6.47
C GLY B 65 6.26 -28.11 6.42
N PHE B 66 6.11 -27.19 7.37
CA PHE B 66 6.97 -26.03 7.45
C PHE B 66 7.95 -26.18 8.61
N ASN B 67 9.19 -25.70 8.45
CA ASN B 67 10.18 -25.89 9.50
C ASN B 67 10.79 -24.59 10.02
N ALA B 68 10.30 -23.47 9.52
CA ALA B 68 10.86 -22.20 9.94
C ALA B 68 9.82 -21.09 9.86
N VAL B 69 9.89 -20.17 10.81
CA VAL B 69 9.00 -19.01 10.81
C VAL B 69 9.80 -17.73 11.05
N ARG B 70 9.52 -16.71 10.24
CA ARG B 70 10.10 -15.39 10.47
C ARG B 70 9.06 -14.56 11.20
N ILE B 71 9.48 -13.96 12.32
CA ILE B 71 8.61 -13.17 13.19
C ILE B 71 9.03 -11.71 13.13
N PRO B 72 8.47 -10.95 12.19
CA PRO B 72 8.80 -9.52 12.09
C PRO B 72 8.36 -8.77 13.33
N VAL B 73 9.22 -7.90 13.85
CA VAL B 73 8.83 -7.09 15.00
C VAL B 73 9.22 -5.63 14.75
N THR B 74 8.26 -4.74 14.96
CA THR B 74 8.52 -3.30 14.90
C THR B 74 8.62 -2.78 16.33
N TRP B 75 9.70 -2.05 16.65
CA TRP B 75 10.04 -1.75 18.02
C TRP B 75 9.79 -0.31 18.48
N TYR B 76 9.71 0.65 17.55
CA TYR B 76 9.79 2.06 17.98
C TYR B 76 8.63 2.49 18.90
N GLU B 77 7.44 1.90 18.77
CA GLU B 77 6.34 2.29 19.65
C GLU B 77 6.43 1.62 21.02
N HIS B 78 7.48 0.83 21.21
CA HIS B 78 7.69 0.11 22.46
C HIS B 78 8.99 0.52 23.13
N MET B 79 9.51 1.66 22.70
CA MET B 79 10.72 2.20 23.27
C MET B 79 10.38 3.52 23.93
N ASP B 80 10.86 3.71 25.15
CA ASP B 80 10.66 4.97 25.82
C ASP B 80 11.69 5.98 25.35
N ALA B 81 11.71 7.14 26.00
CA ALA B 81 12.55 8.24 25.56
C ALA B 81 14.02 7.85 25.47
N GLU B 82 14.44 6.91 26.31
CA GLU B 82 15.83 6.42 26.34
C GLU B 82 16.18 5.31 25.36
N GLY B 83 15.14 4.68 24.81
CA GLY B 83 15.37 3.53 23.97
C GLY B 83 15.20 2.22 24.71
N ASN B 84 14.67 2.26 25.94
CA ASN B 84 14.38 1.01 26.65
C ASN B 84 13.08 0.40 26.15
N VAL B 85 13.08 -0.91 25.95
CA VAL B 85 11.89 -1.60 25.44
C VAL B 85 10.93 -1.93 26.58
N ASP B 86 9.66 -1.59 26.39
CA ASP B 86 8.60 -1.92 27.35
C ASP B 86 8.65 -3.40 27.72
N GLU B 87 8.58 -3.67 29.02
CA GLU B 87 8.69 -5.05 29.49
C GLU B 87 7.56 -5.92 28.95
N ALA B 88 6.34 -5.38 28.90
CA ALA B 88 5.20 -6.14 28.41
C ALA B 88 5.38 -6.52 26.94
N TRP B 89 5.98 -5.62 26.18
CA TRP B 89 6.21 -5.88 24.77
C TRP B 89 7.25 -6.98 24.58
N MET B 90 8.37 -6.85 25.27
CA MET B 90 9.40 -7.88 25.17
C MET B 90 8.89 -9.24 25.64
N MET B 91 8.06 -9.28 26.68
CA MET B 91 7.50 -10.55 27.11
C MET B 91 6.57 -11.16 26.05
N ARG B 92 5.89 -10.32 25.28
CA ARG B 92 4.99 -10.87 24.26
C ARG B 92 5.83 -11.42 23.11
N VAL B 93 6.91 -10.73 22.75
CA VAL B 93 7.83 -11.21 21.72
C VAL B 93 8.39 -12.57 22.15
N LYS B 94 8.82 -12.62 23.40
CA LYS B 94 9.32 -13.83 24.01
C LYS B 94 8.28 -14.95 23.91
N ALA B 95 7.02 -14.63 24.20
CA ALA B 95 5.96 -15.63 24.18
C ALA B 95 5.80 -16.24 22.80
N ILE B 96 5.83 -15.42 21.76
CA ILE B 96 5.63 -15.92 20.41
C ILE B 96 6.86 -16.68 19.93
N VAL B 97 8.04 -16.20 20.28
CA VAL B 97 9.27 -16.97 20.05
C VAL B 97 9.15 -18.36 20.68
N GLU B 98 8.66 -18.40 21.91
CA GLU B 98 8.48 -19.67 22.61
C GLU B 98 7.47 -20.58 21.91
N TYR B 99 6.40 -20.00 21.36
CA TYR B 99 5.46 -20.79 20.57
C TYR B 99 6.21 -21.54 19.47
N ALA B 100 7.07 -20.81 18.76
CA ALA B 100 7.81 -21.41 17.67
C ALA B 100 8.82 -22.43 18.19
N MET B 101 9.54 -22.11 19.26
CA MET B 101 10.49 -23.07 19.83
C MET B 101 9.77 -24.34 20.27
N ASN B 102 8.64 -24.17 20.95
CA ASN B 102 7.87 -25.30 21.45
C ASN B 102 7.42 -26.19 20.31
N ALA B 103 7.06 -25.58 19.19
CA ALA B 103 6.62 -26.34 18.03
C ALA B 103 7.77 -27.02 17.27
N GLY B 104 9.01 -26.73 17.63
CA GLY B 104 10.14 -27.36 16.95
C GLY B 104 10.62 -26.60 15.71
N LEU B 105 10.12 -25.39 15.53
CA LEU B 105 10.50 -24.56 14.39
C LEU B 105 11.81 -23.83 14.60
N TYR B 106 12.47 -23.47 13.50
CA TYR B 106 13.43 -22.39 13.54
C TYR B 106 12.64 -21.09 13.54
N ALA B 107 13.18 -20.06 14.17
CA ALA B 107 12.51 -18.75 14.18
C ALA B 107 13.51 -17.63 13.99
N ILE B 108 13.05 -16.58 13.32
CA ILE B 108 13.83 -15.37 13.13
C ILE B 108 13.06 -14.20 13.76
N VAL B 109 13.74 -13.44 14.61
CA VAL B 109 13.20 -12.19 15.15
C VAL B 109 14.00 -11.06 14.56
N ASN B 110 13.33 -10.04 14.04
CA ASN B 110 14.05 -8.94 13.42
C ASN B 110 13.65 -7.58 13.97
N VAL B 111 14.17 -6.55 13.33
CA VAL B 111 13.78 -5.15 13.53
C VAL B 111 13.17 -4.72 12.22
N HIS B 112 11.86 -4.46 12.21
CA HIS B 112 11.12 -4.44 10.95
C HIS B 112 10.77 -3.04 10.48
N HIS B 113 9.61 -2.49 10.86
CA HIS B 113 9.21 -1.20 10.30
C HIS B 113 9.86 0.00 11.02
N ASP B 114 10.85 -0.31 11.85
CA ASP B 114 11.84 0.68 12.24
C ASP B 114 12.70 1.07 11.04
N THR B 115 12.61 0.27 9.98
CA THR B 115 13.20 0.59 8.68
C THR B 115 12.14 0.85 7.62
N ALA B 116 12.58 1.51 6.55
CA ALA B 116 11.90 1.67 5.25
C ALA B 116 11.03 2.93 5.20
N ALA B 117 9.87 2.84 4.54
CA ALA B 117 9.17 4.05 4.08
C ALA B 117 8.06 4.53 5.03
N GLY B 118 7.86 3.80 6.12
CA GLY B 118 6.81 4.14 7.08
C GLY B 118 7.13 5.41 7.85
N SER B 119 6.11 6.04 8.42
CA SER B 119 6.30 7.29 9.15
C SER B 119 7.18 7.16 10.40
N GLY B 120 7.20 5.99 11.02
CA GLY B 120 7.97 5.75 12.22
C GLY B 120 9.39 5.27 12.02
N ALA B 121 9.74 4.95 10.78
CA ALA B 121 11.08 4.44 10.50
C ALA B 121 12.16 5.41 10.98
N TRP B 122 13.18 4.88 11.65
CA TRP B 122 14.23 5.73 12.20
C TRP B 122 15.64 5.20 11.89
N ILE B 123 15.69 3.96 11.38
CA ILE B 123 16.94 3.33 10.93
C ILE B 123 17.04 3.49 9.43
N LYS B 124 17.98 4.31 8.97
CA LYS B 124 18.05 4.64 7.54
C LYS B 124 19.48 4.61 6.98
N ALA B 125 19.61 4.22 5.72
CA ALA B 125 20.91 4.16 5.06
C ALA B 125 21.31 5.57 4.66
N ASP B 126 21.75 6.33 5.67
CA ASP B 126 21.96 7.76 5.58
C ASP B 126 22.98 8.05 6.67
N THR B 127 24.11 8.66 6.30
CA THR B 127 25.20 8.79 7.27
C THR B 127 24.82 9.69 8.44
N ASP B 128 24.00 10.71 8.21
CA ASP B 128 23.57 11.55 9.34
C ASP B 128 22.66 10.77 10.29
N VAL B 129 21.71 10.03 9.72
CA VAL B 129 20.80 9.24 10.53
C VAL B 129 21.57 8.17 11.31
N TYR B 130 22.53 7.51 10.64
CA TYR B 130 23.33 6.50 11.31
C TYR B 130 24.05 7.07 12.52
N ALA B 131 24.72 8.20 12.35
CA ALA B 131 25.47 8.80 13.46
C ALA B 131 24.54 9.13 14.63
N ALA B 132 23.33 9.58 14.31
CA ALA B 132 22.40 10.02 15.34
C ALA B 132 21.72 8.86 16.06
N THR B 133 21.70 7.69 15.44
CA THR B 133 20.89 6.58 15.95
C THR B 133 21.72 5.35 16.32
N LYS B 134 23.02 5.39 16.05
CA LYS B 134 23.89 4.24 16.28
C LYS B 134 23.78 3.67 17.69
N GLU B 135 23.82 4.53 18.69
CA GLU B 135 23.80 4.03 20.06
C GLU B 135 22.43 3.51 20.45
N LYS B 136 21.37 4.17 19.98
CA LYS B 136 20.01 3.68 20.22
C LYS B 136 19.83 2.30 19.57
N PHE B 137 20.39 2.13 18.36
CA PHE B 137 20.28 0.87 17.64
C PHE B 137 21.03 -0.24 18.37
N LYS B 138 22.23 0.07 18.86
CA LYS B 138 23.00 -0.93 19.58
C LYS B 138 22.34 -1.26 20.92
N LYS B 139 21.74 -0.26 21.55
CA LYS B 139 21.04 -0.48 22.82
C LYS B 139 19.79 -1.35 22.62
N LEU B 140 19.08 -1.14 21.51
CA LEU B 140 17.92 -1.96 21.21
C LEU B 140 18.38 -3.40 21.02
N TRP B 141 19.42 -3.61 20.23
CA TRP B 141 19.87 -4.99 20.01
C TRP B 141 20.47 -5.63 21.27
N THR B 142 21.10 -4.84 22.12
CA THR B 142 21.57 -5.36 23.40
C THR B 142 20.38 -5.90 24.21
N GLN B 143 19.31 -5.12 24.26
CA GLN B 143 18.11 -5.55 24.98
C GLN B 143 17.47 -6.78 24.36
N ILE B 144 17.34 -6.81 23.04
CA ILE B 144 16.72 -7.97 22.38
C ILE B 144 17.57 -9.21 22.63
N ALA B 145 18.88 -9.07 22.44
CA ALA B 145 19.80 -10.17 22.68
C ALA B 145 19.73 -10.71 24.10
N ASN B 146 19.69 -9.81 25.07
CA ASN B 146 19.61 -10.20 26.48
C ASN B 146 18.31 -10.94 26.78
N ALA B 147 17.20 -10.43 26.23
CA ALA B 147 15.90 -11.01 26.53
C ALA B 147 15.75 -12.39 25.89
N LEU B 148 16.38 -12.60 24.75
CA LEU B 148 16.18 -13.84 24.01
C LEU B 148 17.39 -14.76 24.11
N ALA B 149 18.31 -14.46 25.04
CA ALA B 149 19.61 -15.12 25.09
C ALA B 149 19.56 -16.62 25.36
N ASP B 150 18.57 -17.05 26.13
CA ASP B 150 18.55 -18.43 26.60
C ASP B 150 17.92 -19.41 25.61
N TYR B 151 17.31 -18.91 24.55
CA TYR B 151 16.76 -19.80 23.53
C TYR B 151 17.88 -20.44 22.73
N ASP B 152 17.65 -21.67 22.30
CA ASP B 152 18.71 -22.43 21.65
C ASP B 152 18.92 -21.99 20.20
N GLN B 153 19.72 -22.78 19.49
CA GLN B 153 20.20 -22.39 18.18
C GLN B 153 19.09 -22.31 17.13
N HIS B 154 17.88 -22.74 17.47
CA HIS B 154 16.77 -22.61 16.55
C HIS B 154 16.31 -21.17 16.40
N LEU B 155 16.69 -20.30 17.33
CA LEU B 155 16.35 -18.89 17.23
C LEU B 155 17.50 -18.10 16.63
N LEU B 156 17.20 -17.33 15.58
CA LEU B 156 18.17 -16.45 14.93
C LEU B 156 17.71 -15.01 15.05
N PHE B 157 18.67 -14.08 14.99
CA PHE B 157 18.35 -12.65 15.00
C PHE B 157 18.64 -12.07 13.63
N GLU B 158 17.76 -11.17 13.19
CA GLU B 158 17.96 -10.44 11.93
C GLU B 158 18.01 -8.94 12.22
N GLY B 159 19.14 -8.31 11.89
CA GLY B 159 19.43 -6.95 12.34
C GLY B 159 18.44 -5.86 11.97
N TYR B 160 17.93 -5.91 10.75
CA TYR B 160 17.07 -4.85 10.20
C TYR B 160 16.42 -5.39 8.92
N ASN B 161 15.24 -4.90 8.58
CA ASN B 161 14.44 -5.46 7.49
C ASN B 161 14.78 -4.94 6.08
N GLU B 162 14.26 -3.75 5.77
CA GLU B 162 14.42 -3.14 4.45
C GLU B 162 14.91 -1.71 4.63
N MET B 163 16.20 -1.58 4.90
CA MET B 163 16.78 -0.25 5.13
C MET B 163 16.88 0.53 3.83
N LEU B 164 16.34 1.75 3.84
CA LEU B 164 16.40 2.65 2.71
C LEU B 164 17.09 3.94 3.08
N ASP B 165 17.45 4.73 2.08
CA ASP B 165 18.00 6.06 2.35
C ASP B 165 16.87 7.00 2.75
N GLY B 166 17.17 8.28 2.94
CA GLY B 166 16.16 9.21 3.41
C GLY B 166 15.07 9.56 2.41
N ASN B 167 15.28 9.20 1.15
CA ASN B 167 14.27 9.41 0.12
C ASN B 167 13.50 8.13 -0.19
N ASN B 168 13.70 7.10 0.62
CA ASN B 168 13.01 5.84 0.46
C ASN B 168 13.25 5.25 -0.92
N SER B 169 14.49 5.34 -1.39
CA SER B 169 14.86 4.83 -2.70
CA SER B 169 14.86 4.84 -2.71
C SER B 169 14.98 3.31 -2.68
N TRP B 170 14.09 2.62 -3.39
CA TRP B 170 14.02 1.16 -3.27
C TRP B 170 15.08 0.37 -4.03
N ASP B 171 15.65 0.92 -5.09
CA ASP B 171 16.57 0.10 -5.89
C ASP B 171 18.01 0.25 -5.44
N GLU B 172 18.38 1.46 -5.07
CA GLU B 172 19.71 1.74 -4.53
C GLU B 172 19.65 3.12 -3.90
N PRO B 173 20.53 3.39 -2.94
CA PRO B 173 20.54 4.75 -2.38
C PRO B 173 20.94 5.79 -3.43
N GLN B 174 20.40 7.00 -3.31
CA GLN B 174 20.72 8.05 -4.28
C GLN B 174 22.16 8.53 -4.13
N LYS B 175 22.72 8.36 -2.93
CA LYS B 175 24.12 8.72 -2.67
C LYS B 175 24.85 7.46 -2.21
N ALA B 176 26.05 7.25 -2.72
CA ALA B 176 26.79 6.04 -2.40
C ALA B 176 27.14 5.95 -0.92
N SER B 177 27.14 7.09 -0.21
CA SER B 177 27.46 7.09 1.20
C SER B 177 26.40 6.32 2.01
N GLY B 178 25.21 6.14 1.44
CA GLY B 178 24.17 5.35 2.09
C GLY B 178 24.65 3.96 2.41
N TYR B 179 25.54 3.42 1.57
CA TYR B 179 26.06 2.08 1.80
C TYR B 179 26.96 2.03 3.05
N GLU B 180 27.68 3.12 3.32
CA GLU B 180 28.52 3.19 4.51
C GLU B 180 27.64 3.04 5.74
N ALA B 181 26.50 3.74 5.73
CA ALA B 181 25.58 3.67 6.87
C ALA B 181 25.05 2.26 7.02
N LEU B 182 24.60 1.64 5.92
CA LEU B 182 24.08 0.27 6.02
C LEU B 182 25.13 -0.68 6.55
N ASN B 183 26.33 -0.61 5.98
CA ASN B 183 27.38 -1.51 6.39
C ASN B 183 27.78 -1.31 7.85
N ASN B 184 27.72 -0.06 8.32
CA ASN B 184 28.05 0.22 9.70
C ASN B 184 26.97 -0.29 10.66
N TYR B 185 25.70 -0.12 10.30
CA TYR B 185 24.62 -0.69 11.10
C TYR B 185 24.80 -2.21 11.23
N ALA B 186 25.13 -2.87 10.12
CA ALA B 186 25.27 -4.33 10.11
C ALA B 186 26.37 -4.76 11.07
N GLN B 187 27.46 -4.03 11.07
CA GLN B 187 28.55 -4.34 11.98
C GLN B 187 28.15 -4.10 13.44
N ASP B 188 27.44 -3.00 13.69
CA ASP B 188 27.01 -2.67 15.05
C ASP B 188 26.06 -3.71 15.61
N PHE B 189 25.19 -4.23 14.74
CA PHE B 189 24.26 -5.30 15.09
C PHE B 189 25.01 -6.53 15.55
N VAL B 190 25.97 -6.97 14.74
CA VAL B 190 26.77 -8.13 15.11
C VAL B 190 27.55 -7.88 16.40
N ASP B 191 28.18 -6.72 16.50
CA ASP B 191 28.96 -6.36 17.69
C ASP B 191 28.07 -6.38 18.94
N ALA B 192 26.91 -5.73 18.86
CA ALA B 192 26.05 -5.61 20.04
C ALA B 192 25.55 -6.97 20.51
N VAL B 193 25.18 -7.83 19.57
CA VAL B 193 24.70 -9.16 19.92
C VAL B 193 25.82 -10.01 20.51
N ARG B 194 26.96 -10.04 19.82
CA ARG B 194 28.07 -10.88 20.25
C ARG B 194 28.58 -10.48 21.63
N ALA B 195 28.50 -9.19 21.95
CA ALA B 195 29.04 -8.71 23.23
C ALA B 195 28.27 -9.27 24.43
N THR B 196 27.03 -9.71 24.22
CA THR B 196 26.24 -10.24 25.31
C THR B 196 26.65 -11.67 25.67
N GLY B 197 27.43 -12.31 24.81
CA GLY B 197 28.00 -13.61 25.12
C GLY B 197 26.97 -14.70 25.29
N GLY B 198 27.36 -15.78 25.98
CA GLY B 198 26.48 -16.93 26.13
C GLY B 198 26.15 -17.55 24.79
N ASN B 199 24.92 -18.00 24.62
CA ASN B 199 24.48 -18.53 23.33
C ASN B 199 24.66 -17.49 22.21
N ASN B 200 24.54 -16.22 22.56
CA ASN B 200 24.64 -15.17 21.56
C ASN B 200 26.07 -15.03 21.00
N ALA B 201 27.04 -15.67 21.64
CA ALA B 201 28.40 -15.66 21.13
C ALA B 201 28.49 -16.39 19.79
N THR B 202 27.63 -17.40 19.59
CA THR B 202 27.72 -18.21 18.38
C THR B 202 26.38 -18.38 17.65
N ARG B 203 25.35 -17.68 18.14
CA ARG B 203 24.04 -17.70 17.46
C ARG B 203 24.14 -17.25 16.02
N ASN B 204 23.39 -17.90 15.14
CA ASN B 204 23.39 -17.47 13.76
C ASN B 204 22.63 -16.16 13.59
N LEU B 205 23.27 -15.20 12.93
CA LEU B 205 22.76 -13.85 12.77
C LEU B 205 22.55 -13.57 11.30
N ILE B 206 21.54 -12.78 10.99
CA ILE B 206 21.17 -12.50 9.61
C ILE B 206 21.28 -11.02 9.30
N VAL B 207 22.02 -10.71 8.23
CA VAL B 207 22.18 -9.32 7.81
C VAL B 207 21.61 -9.12 6.40
N ASN B 208 20.86 -8.04 6.22
CA ASN B 208 20.16 -7.83 4.95
C ASN B 208 20.89 -6.82 4.09
N THR B 209 20.73 -6.93 2.78
CA THR B 209 21.28 -5.95 1.87
C THR B 209 20.44 -4.67 1.95
N TYR B 210 20.90 -3.60 1.32
CA TYR B 210 20.11 -2.38 1.17
C TYR B 210 18.76 -2.73 0.57
N ALA B 211 17.68 -2.29 1.21
CA ALA B 211 16.30 -2.55 0.77
C ALA B 211 15.97 -4.03 0.69
N ALA B 212 16.84 -4.88 1.25
CA ALA B 212 16.80 -6.33 1.01
C ALA B 212 16.71 -6.59 -0.50
N ALA B 213 17.32 -5.71 -1.28
CA ALA B 213 17.30 -5.79 -2.74
C ALA B 213 18.52 -6.54 -3.27
N LYS B 214 18.55 -6.74 -4.60
CA LYS B 214 19.52 -7.63 -5.21
C LYS B 214 20.14 -7.05 -6.47
N GLY B 215 19.97 -5.74 -6.69
CA GLY B 215 20.57 -5.10 -7.84
C GLY B 215 22.09 -5.07 -7.79
N GLU B 216 22.73 -4.79 -8.92
CA GLU B 216 24.18 -4.83 -9.03
C GLU B 216 24.90 -3.91 -8.03
N ASN B 217 24.49 -2.66 -7.91
CA ASN B 217 25.17 -1.76 -7.00
C ASN B 217 24.95 -2.15 -5.54
N VAL B 218 23.75 -2.63 -5.24
CA VAL B 218 23.40 -3.03 -3.89
C VAL B 218 24.26 -4.21 -3.45
N LEU B 219 24.41 -5.19 -4.33
CA LEU B 219 25.23 -6.35 -3.96
C LEU B 219 26.71 -6.01 -3.94
N ASN B 220 27.16 -5.21 -4.90
CA ASN B 220 28.58 -4.91 -4.97
C ASN B 220 29.06 -3.96 -3.86
N ASN B 221 28.15 -3.21 -3.27
CA ASN B 221 28.50 -2.30 -2.18
C ASN B 221 28.08 -2.83 -0.83
N PHE B 222 27.68 -4.10 -0.80
CA PHE B 222 27.40 -4.78 0.47
C PHE B 222 28.67 -5.33 1.08
N MET B 223 28.89 -5.02 2.35
CA MET B 223 30.04 -5.54 3.07
CA MET B 223 30.04 -5.54 3.07
C MET B 223 29.58 -6.38 4.25
N LEU B 224 29.88 -7.67 4.20
CA LEU B 224 29.56 -8.55 5.30
C LEU B 224 30.34 -8.10 6.54
N PRO B 225 29.65 -7.97 7.68
CA PRO B 225 30.32 -7.62 8.94
C PRO B 225 31.42 -8.61 9.31
N THR B 226 32.42 -8.10 10.03
CA THR B 226 33.46 -8.95 10.58
C THR B 226 32.90 -9.60 11.84
N ASP B 227 33.18 -10.89 11.99
CA ASP B 227 32.64 -11.68 13.10
C ASP B 227 33.78 -12.50 13.71
N ALA B 228 33.89 -12.52 15.04
CA ALA B 228 35.02 -13.16 15.71
C ALA B 228 34.87 -14.67 15.70
N VAL B 229 33.66 -15.12 15.37
CA VAL B 229 33.41 -16.52 15.21
C VAL B 229 33.11 -16.77 13.75
N ASN B 230 33.28 -18.01 13.39
CA ASN B 230 33.21 -18.48 12.02
C ASN B 230 31.90 -19.17 11.65
N ASN B 231 31.52 -18.97 10.38
CA ASN B 231 30.31 -19.57 9.82
C ASN B 231 29.00 -19.32 10.64
N HIS B 232 28.76 -18.11 11.15
CA HIS B 232 27.51 -17.83 11.86
C HIS B 232 26.82 -16.57 11.36
N LEU B 233 27.03 -16.26 10.07
CA LEU B 233 26.32 -15.18 9.41
C LEU B 233 25.60 -15.66 8.15
N ILE B 234 24.41 -15.12 7.95
CA ILE B 234 23.56 -15.38 6.80
C ILE B 234 23.16 -14.06 6.18
N VAL B 235 23.18 -13.96 4.85
CA VAL B 235 22.67 -12.73 4.23
CA VAL B 235 22.69 -12.77 4.15
C VAL B 235 21.24 -12.96 3.75
N GLN B 236 20.43 -11.91 3.86
CA GLN B 236 19.02 -12.00 3.47
C GLN B 236 18.64 -10.97 2.42
N VAL B 237 17.90 -11.43 1.40
CA VAL B 237 17.25 -10.58 0.41
C VAL B 237 15.78 -10.97 0.31
N HIS B 238 14.98 -10.12 -0.34
CA HIS B 238 13.56 -10.38 -0.55
C HIS B 238 13.29 -10.47 -2.04
N SER B 239 12.13 -11.01 -2.41
CA SER B 239 11.84 -11.14 -3.82
C SER B 239 10.36 -11.05 -4.14
N TYR B 240 9.97 -10.04 -4.91
CA TYR B 240 8.62 -9.94 -5.44
C TYR B 240 8.77 -9.75 -6.95
N ASP B 241 9.50 -10.70 -7.54
CA ASP B 241 10.01 -10.59 -8.90
C ASP B 241 9.46 -11.64 -9.86
N PRO B 242 9.25 -11.26 -11.13
CA PRO B 242 9.44 -9.93 -11.74
C PRO B 242 8.44 -8.95 -11.17
N TRP B 243 8.87 -7.73 -10.92
CA TRP B 243 8.02 -6.77 -10.22
C TRP B 243 6.65 -6.63 -10.88
N ASN B 244 5.62 -6.77 -10.04
CA ASN B 244 4.22 -6.59 -10.44
C ASN B 244 3.70 -7.70 -11.35
N PHE B 245 4.36 -8.86 -11.34
CA PHE B 245 3.94 -9.97 -12.21
C PHE B 245 2.51 -10.43 -11.91
N PHE B 246 2.05 -10.26 -10.67
CA PHE B 246 0.73 -10.74 -10.31
C PHE B 246 -0.34 -10.01 -11.10
N ASN B 247 -0.05 -8.75 -11.46
CA ASN B 247 -0.98 -7.94 -12.23
C ASN B 247 -0.74 -7.99 -13.74
N THR B 248 0.48 -8.30 -14.16
CA THR B 248 0.82 -8.25 -15.60
C THR B 248 0.79 -9.62 -16.28
N LYS B 249 0.92 -10.70 -15.52
CA LYS B 249 1.04 -12.04 -16.11
C LYS B 249 -0.21 -12.91 -15.93
N THR B 250 -0.46 -13.74 -16.94
CA THR B 250 -1.56 -14.69 -16.89
CA THR B 250 -1.55 -14.70 -16.88
C THR B 250 -1.07 -16.02 -16.31
N THR B 251 0.18 -16.36 -16.61
CA THR B 251 0.80 -17.59 -16.11
C THR B 251 2.22 -17.28 -15.66
N TRP B 252 2.73 -18.09 -14.74
CA TRP B 252 4.12 -18.01 -14.34
C TRP B 252 4.91 -18.53 -15.53
N ASP B 253 5.28 -17.61 -16.43
CA ASP B 253 5.76 -18.00 -17.75
C ASP B 253 7.28 -18.07 -17.84
N SER B 254 7.78 -18.22 -19.06
CA SER B 254 9.21 -18.35 -19.26
C SER B 254 9.95 -17.12 -18.74
N GLU B 255 9.40 -15.93 -18.98
CA GLU B 255 10.04 -14.71 -18.50
C GLU B 255 10.14 -14.73 -16.97
N CYS B 256 9.07 -15.16 -16.30
CA CYS B 256 9.08 -15.25 -14.84
C CYS B 256 10.12 -16.24 -14.33
N HIS B 257 10.14 -17.43 -14.91
CA HIS B 257 11.07 -18.47 -14.51
C HIS B 257 12.51 -18.02 -14.74
N ASN B 258 12.77 -17.43 -15.90
CA ASN B 258 14.12 -17.01 -16.22
C ASN B 258 14.56 -15.89 -15.29
N THR B 259 13.61 -15.03 -14.91
CA THR B 259 13.91 -13.97 -13.96
C THR B 259 14.39 -14.57 -12.63
N LEU B 260 13.69 -15.58 -12.12
CA LEU B 260 14.11 -16.18 -10.86
C LEU B 260 15.41 -16.95 -10.97
N THR B 261 15.59 -17.69 -12.06
CA THR B 261 16.83 -18.43 -12.22
C THR B 261 18.00 -17.45 -12.27
N GLU B 262 17.80 -16.32 -12.93
CA GLU B 262 18.84 -15.29 -13.00
C GLU B 262 19.11 -14.66 -11.63
N ILE B 263 18.06 -14.51 -10.82
CA ILE B 263 18.23 -13.94 -9.50
C ILE B 263 19.10 -14.86 -8.61
N PHE B 264 18.81 -16.16 -8.61
CA PHE B 264 19.57 -17.09 -7.79
C PHE B 264 21.00 -17.24 -8.30
N SER B 265 21.15 -17.15 -9.62
CA SER B 265 22.47 -17.17 -10.24
CA SER B 265 22.48 -17.17 -10.23
C SER B 265 23.33 -15.99 -9.74
N ALA B 266 22.73 -14.81 -9.71
CA ALA B 266 23.43 -13.62 -9.24
C ALA B 266 23.78 -13.73 -7.75
N LEU B 267 22.84 -14.23 -6.97
CA LEU B 267 23.07 -14.39 -5.54
C LEU B 267 24.15 -15.41 -5.25
N SER B 268 24.12 -16.56 -5.93
CA SER B 268 25.10 -17.61 -5.65
C SER B 268 26.49 -17.21 -6.15
N LYS B 269 26.54 -16.35 -7.16
CA LYS B 269 27.85 -15.93 -7.67
C LYS B 269 28.41 -14.82 -6.78
N LYS B 270 27.52 -14.04 -6.17
CA LYS B 270 27.95 -13.01 -5.22
C LYS B 270 28.38 -13.64 -3.90
N PHE B 271 27.50 -14.49 -3.35
CA PHE B 271 27.71 -15.07 -2.03
C PHE B 271 28.11 -16.53 -2.18
N THR B 272 29.39 -16.78 -2.32
CA THR B 272 29.86 -18.14 -2.54
C THR B 272 30.21 -18.88 -1.25
N THR B 273 30.82 -18.22 -0.29
CA THR B 273 31.22 -18.92 0.92
C THR B 273 30.17 -18.84 2.04
N ILE B 274 29.27 -17.85 1.94
CA ILE B 274 28.23 -17.65 2.96
C ILE B 274 26.81 -17.91 2.44
N PRO B 275 25.96 -18.53 3.27
CA PRO B 275 24.58 -18.81 2.87
C PRO B 275 23.72 -17.56 2.78
N TYR B 276 22.72 -17.63 1.90
CA TYR B 276 21.73 -16.56 1.81
C TYR B 276 20.32 -17.14 1.82
N ILE B 277 19.36 -16.32 2.23
CA ILE B 277 17.97 -16.72 2.24
C ILE B 277 17.10 -15.69 1.54
N ILE B 278 15.99 -16.18 0.99
CA ILE B 278 14.91 -15.33 0.49
C ILE B 278 13.94 -15.13 1.65
N GLY B 279 14.13 -14.06 2.38
CA GLY B 279 13.46 -13.89 3.67
C GLY B 279 12.02 -13.47 3.57
N ALA B 280 11.62 -13.02 2.39
CA ALA B 280 10.23 -12.67 2.13
C ALA B 280 10.01 -12.68 0.63
N TYR B 281 8.96 -13.38 0.20
CA TYR B 281 8.55 -13.37 -1.21
C TYR B 281 7.04 -13.56 -1.31
N GLY B 282 6.47 -13.18 -2.43
CA GLY B 282 5.04 -13.34 -2.63
C GLY B 282 4.60 -12.63 -3.89
N THR B 283 3.28 -12.48 -4.01
CA THR B 283 2.68 -11.89 -5.21
C THR B 283 2.54 -10.38 -5.10
N HIS B 284 2.96 -9.81 -3.98
CA HIS B 284 2.73 -8.40 -3.69
C HIS B 284 3.37 -7.50 -4.75
N GLY B 285 2.53 -6.70 -5.39
CA GLY B 285 2.98 -5.86 -6.49
C GLY B 285 2.58 -4.41 -6.31
N GLU B 286 2.26 -3.75 -7.43
CA GLU B 286 1.88 -2.35 -7.39
C GLU B 286 0.64 -2.18 -6.52
N SER B 287 0.56 -1.02 -5.86
CA SER B 287 -0.54 -0.67 -4.96
C SER B 287 -0.76 -1.74 -3.90
N ASP B 288 0.34 -2.40 -3.52
CA ASP B 288 0.41 -3.61 -2.72
C ASP B 288 -0.81 -4.53 -2.95
N ILE B 289 -1.10 -4.78 -4.22
CA ILE B 289 -2.06 -5.78 -4.62
C ILE B 289 -1.42 -7.17 -4.54
N SER B 290 -2.16 -8.11 -3.99
CA SER B 290 -1.67 -9.46 -3.81
C SER B 290 -2.79 -10.47 -3.87
N VAL B 291 -2.42 -11.74 -4.02
CA VAL B 291 -3.38 -12.83 -4.17
C VAL B 291 -4.19 -13.02 -2.88
N SER B 292 -5.45 -13.41 -3.02
CA SER B 292 -6.25 -13.83 -1.87
C SER B 292 -7.11 -15.01 -2.26
N LYS B 293 -7.84 -15.57 -1.32
CA LYS B 293 -8.60 -16.79 -1.64
C LYS B 293 -9.78 -16.51 -2.57
N SER B 294 -10.09 -15.23 -2.80
CA SER B 294 -11.15 -14.88 -3.76
C SER B 294 -10.60 -14.41 -5.11
N SER B 295 -9.27 -14.43 -5.28
CA SER B 295 -8.67 -14.24 -6.59
C SER B 295 -9.18 -15.30 -7.56
N PRO B 296 -9.26 -14.96 -8.85
CA PRO B 296 -9.61 -15.98 -9.84
C PRO B 296 -8.71 -17.20 -9.75
N ALA B 297 -9.23 -18.37 -10.10
CA ALA B 297 -8.46 -19.61 -9.98
C ALA B 297 -7.12 -19.49 -10.70
N GLU B 298 -7.14 -18.84 -11.85
CA GLU B 298 -5.94 -18.69 -12.66
C GLU B 298 -4.88 -17.87 -11.93
N LYS B 299 -5.31 -16.89 -11.15
CA LYS B 299 -4.39 -16.05 -10.40
C LYS B 299 -3.86 -16.80 -9.18
N ILE B 300 -4.69 -17.66 -8.60
CA ILE B 300 -4.21 -18.50 -7.51
C ILE B 300 -3.16 -19.48 -8.04
N LYS B 301 -3.38 -20.00 -9.25
CA LYS B 301 -2.41 -20.89 -9.91
C LYS B 301 -1.09 -20.16 -10.18
N LEU B 302 -1.20 -18.91 -10.62
CA LEU B 302 -0.03 -18.07 -10.79
C LEU B 302 0.77 -17.99 -9.49
N ALA B 303 0.07 -17.76 -8.38
CA ALA B 303 0.72 -17.69 -7.08
C ALA B 303 1.36 -19.02 -6.71
N ALA B 304 0.64 -20.11 -6.99
CA ALA B 304 1.14 -21.43 -6.68
C ALA B 304 2.42 -21.71 -7.46
N ASP B 305 2.41 -21.35 -8.74
CA ASP B 305 3.57 -21.60 -9.58
C ASP B 305 4.80 -20.74 -9.19
N GLN B 306 4.58 -19.48 -8.80
CA GLN B 306 5.70 -18.69 -8.30
C GLN B 306 6.34 -19.38 -7.11
N ALA B 307 5.49 -19.80 -6.17
CA ALA B 307 5.97 -20.36 -4.91
C ALA B 307 6.70 -21.68 -5.14
N ALA B 308 6.16 -22.50 -6.04
CA ALA B 308 6.79 -23.77 -6.37
C ALA B 308 8.19 -23.55 -6.94
N ASP B 309 8.29 -22.59 -7.87
CA ASP B 309 9.57 -22.29 -8.52
C ASP B 309 10.56 -21.72 -7.52
N MET B 310 10.10 -20.81 -6.67
CA MET B 310 10.94 -20.24 -5.63
C MET B 310 11.52 -21.30 -4.70
N VAL B 311 10.67 -22.22 -4.23
CA VAL B 311 11.10 -23.28 -3.33
C VAL B 311 12.13 -24.21 -3.97
N LYS B 312 11.89 -24.59 -5.22
CA LYS B 312 12.78 -25.54 -5.86
C LYS B 312 14.12 -24.91 -6.17
N LEU B 313 14.11 -23.68 -6.68
CA LEU B 313 15.36 -23.01 -6.99
C LEU B 313 16.17 -22.75 -5.72
N ALA B 314 15.49 -22.38 -4.63
CA ALA B 314 16.21 -22.14 -3.38
C ALA B 314 16.87 -23.43 -2.89
N LYS B 315 16.17 -24.54 -3.03
CA LYS B 315 16.72 -25.82 -2.62
C LYS B 315 17.97 -26.13 -3.46
N ASP B 316 17.87 -25.90 -4.78
CA ASP B 316 18.99 -26.13 -5.69
C ASP B 316 20.23 -25.32 -5.32
N HIS B 317 19.99 -24.12 -4.79
CA HIS B 317 21.05 -23.18 -4.49
C HIS B 317 21.44 -23.15 -3.01
N HIS B 318 20.98 -24.17 -2.28
CA HIS B 318 21.31 -24.33 -0.87
C HIS B 318 20.87 -23.08 -0.10
N SER B 319 19.69 -22.60 -0.44
CA SER B 319 19.09 -21.44 0.19
C SER B 319 17.84 -21.89 0.95
N ALA B 320 17.00 -20.93 1.30
CA ALA B 320 15.72 -21.22 1.97
C ALA B 320 14.82 -20.04 1.77
N THR B 321 13.51 -20.23 1.97
CA THR B 321 12.53 -19.22 1.60
CA THR B 321 12.61 -19.16 1.64
C THR B 321 11.45 -19.06 2.65
N PHE B 322 10.94 -17.83 2.78
CA PHE B 322 9.88 -17.53 3.76
C PHE B 322 8.75 -16.77 3.06
N TYR B 323 7.58 -17.41 3.01
CA TYR B 323 6.45 -16.85 2.28
C TYR B 323 5.93 -15.59 2.98
N TRP B 324 5.70 -14.51 2.26
CA TRP B 324 5.13 -13.34 2.93
C TRP B 324 3.59 -13.43 3.02
N MET B 325 3.11 -13.94 4.17
CA MET B 325 1.73 -13.75 4.67
C MET B 325 0.60 -14.54 4.00
N SER B 326 0.50 -14.49 2.67
CA SER B 326 -0.75 -14.81 2.00
C SER B 326 -1.30 -16.21 2.24
N ILE B 327 -0.41 -17.18 2.42
CA ILE B 327 -0.87 -18.56 2.54
C ILE B 327 -1.58 -18.87 3.87
N PHE B 328 -1.40 -18.02 4.87
CA PHE B 328 -1.86 -18.31 6.24
C PHE B 328 -2.23 -16.99 6.91
N ASP B 329 -3.43 -16.50 6.63
CA ASP B 329 -3.75 -15.09 6.87
C ASP B 329 -5.06 -14.86 7.62
N GLY B 330 -5.04 -13.87 8.52
CA GLY B 330 -6.27 -13.38 9.12
C GLY B 330 -7.02 -14.45 9.88
N SER B 331 -8.33 -14.51 9.65
CA SER B 331 -9.21 -15.43 10.38
CA SER B 331 -9.21 -15.42 10.37
C SER B 331 -8.83 -16.89 10.18
N ASP B 332 -8.12 -17.19 9.09
CA ASP B 332 -7.69 -18.55 8.83
C ASP B 332 -6.69 -19.02 9.88
N ARG B 333 -5.89 -18.11 10.42
CA ARG B 333 -4.92 -18.48 11.47
C ARG B 333 -5.59 -19.03 12.74
N ILE B 334 -6.82 -18.59 12.98
CA ILE B 334 -7.55 -18.94 14.20
C ILE B 334 -8.04 -20.39 14.18
N GLN B 335 -8.28 -20.93 12.99
CA GLN B 335 -8.88 -22.27 12.90
C GLN B 335 -8.03 -23.38 13.53
N PRO B 336 -6.77 -23.54 13.13
CA PRO B 336 -5.97 -22.94 12.06
C PRO B 336 -6.14 -23.72 10.76
N GLN B 337 -6.14 -23.00 9.64
CA GLN B 337 -6.18 -23.62 8.33
C GLN B 337 -5.42 -22.74 7.33
N TRP B 338 -5.00 -23.33 6.21
CA TRP B 338 -4.39 -22.53 5.16
C TRP B 338 -5.41 -21.61 4.51
N SER B 339 -4.98 -20.39 4.20
CA SER B 339 -5.80 -19.49 3.40
C SER B 339 -5.76 -19.93 1.94
N LEU B 340 -4.58 -20.38 1.51
CA LEU B 340 -4.36 -20.74 0.11
C LEU B 340 -3.78 -22.13 -0.01
N PRO B 341 -4.62 -23.15 0.24
CA PRO B 341 -4.10 -24.52 0.23
C PRO B 341 -3.49 -24.96 -1.10
N THR B 342 -3.93 -24.44 -2.25
CA THR B 342 -3.33 -24.88 -3.51
CA THR B 342 -3.30 -24.95 -3.47
C THR B 342 -1.90 -24.35 -3.63
N VAL B 343 -1.67 -23.17 -3.08
CA VAL B 343 -0.32 -22.60 -3.12
C VAL B 343 0.60 -23.42 -2.20
N VAL B 344 0.09 -23.75 -1.02
CA VAL B 344 0.86 -24.52 -0.05
C VAL B 344 1.15 -25.91 -0.58
N GLU B 345 0.16 -26.51 -1.24
CA GLU B 345 0.36 -27.82 -1.82
C GLU B 345 1.48 -27.81 -2.87
N ALA B 346 1.52 -26.75 -3.67
CA ALA B 346 2.55 -26.60 -4.69
C ALA B 346 3.94 -26.45 -4.04
N MET B 347 4.00 -25.73 -2.93
CA MET B 347 5.25 -25.56 -2.18
C MET B 347 5.72 -26.89 -1.61
N GLN B 348 4.79 -27.65 -1.04
CA GLN B 348 5.13 -28.93 -0.43
C GLN B 348 5.64 -29.91 -1.47
N GLU B 349 5.00 -29.95 -2.63
CA GLU B 349 5.45 -30.79 -3.73
C GLU B 349 6.85 -30.40 -4.15
N ALA B 350 7.09 -29.10 -4.29
CA ALA B 350 8.39 -28.64 -4.76
C ALA B 350 9.51 -28.97 -3.78
N TYR B 351 9.23 -28.88 -2.49
CA TYR B 351 10.27 -29.09 -1.50
C TYR B 351 10.55 -30.57 -1.31
N ASN B 352 9.49 -31.39 -1.41
CA ASN B 352 9.58 -32.83 -1.11
C ASN B 352 9.85 -33.71 -2.32
N ASN B 353 10.03 -33.10 -3.49
CA ASN B 353 10.51 -33.84 -4.66
C ASN B 353 11.86 -33.30 -5.13
#